data_7RSI
#
_entry.id   7RSI
#
loop_
_entity.id
_entity.type
_entity.pdbx_description
1 polymer 'KIF-binding protein'
2 polymer 'Kinesin-like protein KIF18A'
3 non-polymer 'MAGNESIUM ION'
4 non-polymer "ADENOSINE-5'-DIPHOSPHATE"
#
loop_
_entity_poly.entity_id
_entity_poly.type
_entity_poly.pdbx_seq_one_letter_code
_entity_poly.pdbx_strand_id
1 'polypeptide(L)'
;MANVPWAEVCEKFQAALALSRVELHKNPEKEPYKSKYSARALLEEVKALLGPAPEDEDERPEAEDGPGAGDHALGLPAEV
VEPEGPVAQRAVRLAVIEFHLGVNHIDTEELSAGEEHLVKCLRLLRRYRLSHDCISLCIQAQNNLGILWSEREEIETAQA
YLESSEALYNQYMKEVGSPPLDPTERFLPEEEKLTEQERSKRFEKVYTHNLYYLAQVYQHLEMFEKAAHYCHSTLKRQLE
HNAYHPIEWAINAATLSQFYINKLCFMEARHCLSAANVIFGQTGKISATEDTPEAEGEVPELYHQRKGEIARCWIKYCLT
LMQNAQLSMQDNIGELDLDKQSELRALRKKELDEEESIRKKAVQFGTGELCDAISAVEEKVSYLRPLDFEEARELFLLGQ
HYVFEAKEFFQIDGYVTDHIEVVQDHSALFKVLAFFETDMERRCKMHKRRIAMLEPLTVDLNPQYYLLVNRQIQFEIAHA
YYDMMDLKVAIADRLRDPDSHIVKKINNLNKSALKYYQLFLDSLRDPNKVFPEHIGEDVLRPAMLAKFRVARLYGKIITA
DPKKELENLATSLEHYKFIVDYCEKHPEAAQEIEVELELSKEMVSLLPTKMERFRTKMALT
;
B
2 'polypeptide(L)'
;MSVTEEDLCHHMKVVVRVRPENTKEKAAGFHKVVHVVDKHILVFDPKQEEVSFFHGKKTTNQNVIKKQNKDLKFVFDAVF
DETSTQSEVFEHTTKPILRSFLNGYNCTVLAYGATGAGKTHTMLGSADEPGVMYLTMLHLYKCMDEIKEEKICSTAVSYL
EVYNEQIRDLLVNSGPLAVREDTQKGVVVHGLTLHQPKSSEEILHLLDNGNKNRTQHPTDMNATSSRSHAVFQIYLRQQD
KTASINQNVRIAKMSLIDLAGSERASTSGAKGTRFVEGTNINRSLLALGNVINALADSKRKNQHIPYRNSKLTRLLKDSL
GGNCQTIMIAAVSPSSVFYDDTYNTLKYANRAK
;
C
#
loop_
_chem_comp.id
_chem_comp.type
_chem_comp.name
_chem_comp.formula
ADP non-polymer ADENOSINE-5'-DIPHOSPHATE 'C10 H15 N5 O10 P2'
MG non-polymer 'MAGNESIUM ION' 'Mg 2'
#
# COMPACT_ATOMS: atom_id res chain seq x y z
N PRO A 5 -22.99 36.98 -28.65
CA PRO A 5 -23.28 35.62 -29.08
C PRO A 5 -23.22 34.70 -27.90
N TRP A 6 -23.56 35.22 -26.72
CA TRP A 6 -23.47 34.49 -25.47
C TRP A 6 -24.12 33.13 -25.52
N ALA A 7 -25.28 33.03 -26.16
CA ALA A 7 -25.95 31.76 -26.28
C ALA A 7 -25.07 30.80 -27.08
N GLU A 8 -24.48 31.29 -28.16
CA GLU A 8 -23.59 30.51 -28.99
C GLU A 8 -22.27 30.23 -28.29
N VAL A 9 -21.91 31.10 -27.35
CA VAL A 9 -20.73 30.90 -26.56
C VAL A 9 -20.92 29.76 -25.62
N CYS A 10 -22.02 29.77 -24.89
CA CYS A 10 -22.32 28.70 -23.97
C CYS A 10 -22.59 27.43 -24.73
N GLU A 11 -23.21 27.55 -25.89
CA GLU A 11 -23.45 26.40 -26.74
C GLU A 11 -22.17 25.69 -27.07
N LYS A 12 -21.21 26.43 -27.61
CA LYS A 12 -19.92 25.90 -27.97
C LYS A 12 -19.20 25.41 -26.74
N PHE A 13 -19.27 26.20 -25.68
CA PHE A 13 -18.68 25.83 -24.41
C PHE A 13 -19.15 24.52 -23.89
N GLN A 14 -20.45 24.34 -23.85
CA GLN A 14 -21.04 23.13 -23.34
C GLN A 14 -20.60 21.95 -24.18
N ALA A 15 -20.50 22.14 -25.49
CA ALA A 15 -19.99 21.07 -26.33
C ALA A 15 -18.55 20.78 -25.93
N ALA A 16 -17.76 21.85 -25.78
CA ALA A 16 -16.38 21.75 -25.38
C ALA A 16 -16.26 21.14 -24.01
N LEU A 17 -17.23 21.44 -23.15
CA LEU A 17 -17.27 20.95 -21.80
C LEU A 17 -17.40 19.45 -21.82
N ALA A 18 -18.34 18.96 -22.60
CA ALA A 18 -18.51 17.53 -22.72
C ALA A 18 -17.24 16.91 -23.24
N LEU A 19 -16.62 17.58 -24.19
CA LEU A 19 -15.38 17.12 -24.76
C LEU A 19 -14.25 17.17 -23.77
N SER A 20 -14.28 18.15 -22.86
CA SER A 20 -13.23 18.23 -21.86
C SER A 20 -13.36 17.05 -20.93
N ARG A 21 -14.57 16.53 -20.77
CA ARG A 21 -14.72 15.33 -19.98
C ARG A 21 -14.17 14.13 -20.67
N VAL A 22 -14.35 14.06 -21.98
CA VAL A 22 -13.84 12.92 -22.75
C VAL A 22 -12.37 12.67 -22.45
N PRO A 32 -5.03 7.51 -29.11
CA PRO A 32 -4.91 6.58 -27.99
C PRO A 32 -4.72 7.32 -26.68
N TYR A 33 -5.02 8.62 -26.69
CA TYR A 33 -4.85 9.45 -25.51
C TYR A 33 -6.17 9.92 -24.96
N LYS A 34 -7.18 10.06 -25.83
CA LYS A 34 -8.54 10.47 -25.49
C LYS A 34 -8.73 11.85 -24.80
N SER A 35 -7.66 12.59 -24.54
CA SER A 35 -7.72 13.87 -23.89
C SER A 35 -6.41 14.55 -24.11
N LYS A 36 -6.29 15.80 -23.65
CA LYS A 36 -5.08 16.65 -23.78
C LYS A 36 -4.83 17.05 -25.24
N TYR A 37 -4.66 16.05 -26.07
CA TYR A 37 -4.52 16.24 -27.46
C TYR A 37 -5.90 16.58 -27.92
N SER A 38 -6.09 17.85 -28.30
CA SER A 38 -7.36 18.47 -28.70
C SER A 38 -8.08 19.11 -27.53
N ALA A 39 -7.90 18.59 -26.31
CA ALA A 39 -8.52 19.25 -25.17
C ALA A 39 -7.90 20.61 -25.03
N ARG A 40 -6.59 20.66 -25.22
CA ARG A 40 -5.87 21.91 -25.23
C ARG A 40 -6.36 22.82 -26.33
N ALA A 41 -6.68 22.25 -27.48
CA ALA A 41 -7.22 23.07 -28.55
C ALA A 41 -8.52 23.71 -28.10
N LEU A 42 -9.35 22.95 -27.40
CA LEU A 42 -10.60 23.46 -26.89
C LEU A 42 -10.37 24.55 -25.88
N LEU A 43 -9.30 24.41 -25.10
CA LEU A 43 -8.88 25.40 -24.13
C LEU A 43 -8.75 26.73 -24.84
N GLU A 44 -8.04 26.72 -25.94
CA GLU A 44 -7.83 27.91 -26.73
C GLU A 44 -9.12 28.39 -27.35
N GLU A 45 -10.01 27.47 -27.71
CA GLU A 45 -11.30 27.86 -28.26
C GLU A 45 -12.08 28.64 -27.23
N VAL A 46 -11.94 28.26 -25.97
CA VAL A 46 -12.58 28.98 -24.89
C VAL A 46 -12.01 30.39 -24.78
N LYS A 47 -10.71 30.52 -24.93
CA LYS A 47 -10.12 31.86 -24.90
C LYS A 47 -10.69 32.70 -26.04
N ALA A 48 -10.91 32.08 -27.19
CA ALA A 48 -11.51 32.80 -28.30
C ALA A 48 -12.93 33.25 -27.92
N LEU A 49 -13.63 32.37 -27.21
CA LEU A 49 -14.96 32.69 -26.73
C LEU A 49 -14.93 33.76 -25.65
N LEU A 50 -13.84 33.80 -24.88
CA LEU A 50 -13.63 34.83 -23.87
C LEU A 50 -13.61 36.18 -24.54
N GLY A 51 -12.79 36.28 -25.60
CA GLY A 51 -12.55 37.50 -26.40
C GLY A 51 -13.69 38.54 -26.41
N PRO A 52 -14.86 38.20 -26.93
CA PRO A 52 -16.10 38.96 -27.00
C PRO A 52 -16.58 39.61 -25.69
N ALA A 53 -16.31 38.98 -24.56
CA ALA A 53 -16.79 39.50 -23.28
C ALA A 53 -16.20 40.89 -22.92
N PRO A 54 -14.88 41.11 -22.93
CA PRO A 54 -14.21 42.40 -22.74
C PRO A 54 -14.26 43.22 -24.01
N PRO A 86 -25.44 42.15 -14.93
CA PRO A 86 -25.00 43.06 -15.98
C PRO A 86 -23.52 42.79 -16.16
N VAL A 87 -22.73 43.83 -16.42
CA VAL A 87 -21.30 43.70 -16.52
C VAL A 87 -20.69 43.14 -15.23
N ALA A 88 -21.36 43.36 -14.10
CA ALA A 88 -20.95 42.80 -12.83
C ALA A 88 -21.00 41.29 -12.90
N GLN A 89 -22.01 40.76 -13.59
CA GLN A 89 -22.17 39.35 -13.72
C GLN A 89 -21.29 38.85 -14.83
N ARG A 90 -21.02 39.71 -15.81
CA ARG A 90 -20.07 39.38 -16.85
C ARG A 90 -18.75 39.05 -16.19
N ALA A 91 -18.31 39.91 -15.27
CA ALA A 91 -17.06 39.73 -14.54
C ALA A 91 -17.07 38.42 -13.77
N VAL A 92 -18.22 38.06 -13.21
CA VAL A 92 -18.32 36.76 -12.55
C VAL A 92 -18.09 35.67 -13.56
N ARG A 93 -18.76 35.77 -14.69
CA ARG A 93 -18.64 34.81 -15.76
C ARG A 93 -17.23 34.79 -16.31
N LEU A 94 -16.55 35.94 -16.30
CA LEU A 94 -15.17 36.01 -16.72
C LEU A 94 -14.33 35.15 -15.82
N ALA A 95 -14.54 35.28 -14.52
CA ALA A 95 -13.84 34.45 -13.57
C ALA A 95 -14.17 33.00 -13.85
N VAL A 96 -15.41 32.72 -14.20
CA VAL A 96 -15.84 31.39 -14.56
C VAL A 96 -15.11 30.89 -15.79
N ILE A 97 -14.94 31.75 -16.79
CA ILE A 97 -14.24 31.40 -18.00
C ILE A 97 -12.80 31.10 -17.72
N GLU A 98 -12.17 32.00 -16.99
CA GLU A 98 -10.78 31.85 -16.64
C GLU A 98 -10.63 30.66 -15.73
N PHE A 99 -11.63 30.40 -14.90
CA PHE A 99 -11.68 29.20 -14.11
C PHE A 99 -11.68 28.03 -15.02
N HIS A 100 -12.57 28.06 -16.00
CA HIS A 100 -12.65 27.00 -16.97
C HIS A 100 -11.36 26.86 -17.70
N LEU A 101 -10.70 27.97 -17.99
CA LEU A 101 -9.41 27.91 -18.63
C LEU A 101 -8.44 27.26 -17.71
N GLY A 102 -8.51 27.56 -16.42
CA GLY A 102 -7.64 26.93 -15.44
C GLY A 102 -7.91 25.43 -15.41
N VAL A 103 -9.19 25.09 -15.46
CA VAL A 103 -9.62 23.71 -15.51
C VAL A 103 -9.10 23.06 -16.76
N ASN A 104 -9.17 23.77 -17.86
CA ASN A 104 -8.69 23.26 -19.10
C ASN A 104 -7.19 23.10 -19.05
N HIS A 105 -6.51 24.10 -18.49
CA HIS A 105 -5.06 24.09 -18.31
C HIS A 105 -4.56 22.98 -17.42
N ILE A 106 -4.71 21.75 -17.85
CA ILE A 106 -4.15 20.69 -17.09
C ILE A 106 -3.05 20.02 -17.87
N ASP A 107 -3.41 19.23 -18.88
CA ASP A 107 -2.42 18.49 -19.64
C ASP A 107 -1.49 17.77 -18.70
N THR A 108 -2.02 16.89 -17.85
CA THR A 108 -1.22 16.26 -16.80
C THR A 108 -0.58 17.32 -15.90
N GLU A 109 -1.32 18.41 -15.70
CA GLU A 109 -0.95 19.59 -14.93
C GLU A 109 0.28 20.33 -15.45
N GLU A 110 0.66 20.08 -16.70
CA GLU A 110 1.77 20.78 -17.31
C GLU A 110 1.50 22.26 -17.49
N LEU A 111 0.24 22.61 -17.74
CA LEU A 111 -0.10 24.00 -18.03
C LEU A 111 -0.28 24.87 -16.79
N SER A 112 0.83 25.32 -16.22
CA SER A 112 0.86 26.16 -15.02
C SER A 112 0.20 27.53 -15.22
N ALA A 113 0.01 27.95 -16.46
CA ALA A 113 -0.66 29.20 -16.77
C ALA A 113 -2.07 29.22 -16.18
N GLY A 114 -2.69 28.06 -16.03
CA GLY A 114 -4.01 27.98 -15.44
C GLY A 114 -3.99 28.50 -14.03
N GLU A 115 -2.89 28.28 -13.32
CA GLU A 115 -2.71 28.75 -11.96
C GLU A 115 -2.89 30.23 -11.91
N GLU A 116 -2.27 30.89 -12.89
CA GLU A 116 -2.35 32.33 -13.00
C GLU A 116 -3.78 32.79 -13.22
N HIS A 117 -4.53 32.05 -14.06
CA HIS A 117 -5.92 32.37 -14.35
C HIS A 117 -6.77 32.25 -13.11
N LEU A 118 -6.53 31.19 -12.36
CA LEU A 118 -7.31 30.91 -11.17
C LEU A 118 -7.10 31.94 -10.08
N VAL A 119 -5.88 32.44 -9.95
CA VAL A 119 -5.63 33.49 -8.97
C VAL A 119 -6.46 34.72 -9.29
N LYS A 120 -6.46 35.10 -10.57
CA LYS A 120 -7.27 36.24 -11.00
C LYS A 120 -8.74 36.02 -10.72
N CYS A 121 -9.23 34.81 -11.02
CA CYS A 121 -10.62 34.45 -10.81
C CYS A 121 -11.01 34.66 -9.38
N LEU A 122 -10.14 34.22 -8.47
CA LEU A 122 -10.38 34.37 -7.05
C LEU A 122 -10.63 35.82 -6.71
N ARG A 123 -9.73 36.70 -7.14
CA ARG A 123 -9.87 38.11 -6.89
C ARG A 123 -11.19 38.64 -7.42
N LEU A 124 -11.56 38.22 -8.63
CA LEU A 124 -12.79 38.65 -9.26
C LEU A 124 -14.01 38.26 -8.45
N LEU A 125 -13.97 37.08 -7.84
CA LEU A 125 -15.12 36.60 -7.11
C LEU A 125 -15.11 36.84 -5.62
N ARG A 126 -13.99 37.26 -5.05
CA ARG A 126 -13.97 37.49 -3.60
C ARG A 126 -14.89 38.60 -3.13
N ARG A 127 -15.34 39.45 -4.02
CA ARG A 127 -16.31 40.46 -3.66
C ARG A 127 -17.66 39.82 -3.28
N TYR A 128 -17.86 38.56 -3.65
CA TYR A 128 -19.08 37.83 -3.36
C TYR A 128 -18.81 36.35 -3.22
N ILE A 135 -22.37 29.66 -7.63
CA ILE A 135 -21.68 30.41 -6.60
C ILE A 135 -20.62 29.55 -5.92
N SER A 136 -21.02 28.33 -5.57
CA SER A 136 -20.18 27.36 -4.87
C SER A 136 -18.96 26.87 -5.67
N LEU A 137 -18.99 27.07 -6.98
CA LEU A 137 -17.88 26.66 -7.81
C LEU A 137 -16.59 27.37 -7.39
N CYS A 138 -16.72 28.52 -6.71
CA CYS A 138 -15.56 29.25 -6.28
C CYS A 138 -14.74 28.50 -5.23
N ILE A 139 -15.35 27.59 -4.46
CA ILE A 139 -14.50 26.90 -3.51
C ILE A 139 -13.87 25.76 -4.21
N GLN A 140 -14.53 25.27 -5.26
CA GLN A 140 -13.93 24.24 -6.08
C GLN A 140 -12.62 24.77 -6.61
N ALA A 141 -12.65 26.00 -7.09
CA ALA A 141 -11.48 26.66 -7.60
C ALA A 141 -10.40 26.78 -6.55
N GLN A 142 -10.79 27.14 -5.34
CA GLN A 142 -9.82 27.26 -4.26
C GLN A 142 -9.17 25.93 -4.00
N ASN A 143 -9.96 24.89 -4.05
CA ASN A 143 -9.48 23.57 -3.81
C ASN A 143 -8.52 23.16 -4.92
N ASN A 144 -8.82 23.58 -6.13
CA ASN A 144 -7.97 23.29 -7.26
C ASN A 144 -6.63 23.98 -7.11
N LEU A 145 -6.65 25.20 -6.58
CA LEU A 145 -5.40 25.89 -6.29
C LEU A 145 -4.62 25.11 -5.27
N GLY A 146 -5.33 24.53 -4.31
CA GLY A 146 -4.71 23.70 -3.31
C GLY A 146 -3.97 22.55 -3.98
N ILE A 147 -4.58 21.97 -5.01
CA ILE A 147 -3.94 20.88 -5.74
C ILE A 147 -2.64 21.37 -6.33
N LEU A 148 -2.68 22.54 -6.92
CA LEU A 148 -1.50 23.08 -7.55
C LEU A 148 -0.42 23.31 -6.52
N TRP A 149 -0.82 23.74 -5.33
CA TRP A 149 0.13 23.91 -4.27
C TRP A 149 0.68 22.60 -3.81
N SER A 150 -0.13 21.54 -3.87
CA SER A 150 0.36 20.22 -3.48
C SER A 150 1.45 19.78 -4.42
N GLU A 151 1.39 20.24 -5.65
CA GLU A 151 2.42 19.90 -6.60
C GLU A 151 3.64 20.75 -6.33
N ARG A 152 3.41 21.96 -5.84
CA ARG A 152 4.50 22.84 -5.46
C ARG A 152 4.93 22.64 -4.01
N GLU A 153 4.31 21.68 -3.33
CA GLU A 153 4.57 21.30 -1.94
C GLU A 153 4.09 22.33 -0.90
N GLU A 154 3.35 23.35 -1.35
CA GLU A 154 2.83 24.39 -0.46
C GLU A 154 1.57 23.97 0.28
N ILE A 155 1.74 23.05 1.20
CA ILE A 155 0.66 22.46 1.95
C ILE A 155 -0.16 23.46 2.73
N GLU A 156 0.51 24.38 3.38
CA GLU A 156 -0.15 25.32 4.27
C GLU A 156 -1.16 26.20 3.57
N THR A 157 -0.81 26.75 2.42
CA THR A 157 -1.76 27.59 1.70
C THR A 157 -2.91 26.74 1.22
N ALA A 158 -2.61 25.55 0.72
CA ALA A 158 -3.65 24.65 0.27
C ALA A 158 -4.62 24.39 1.42
N GLN A 159 -4.05 24.15 2.59
CA GLN A 159 -4.82 23.95 3.79
C GLN A 159 -5.70 25.13 4.09
N ALA A 160 -5.13 26.32 4.00
CA ALA A 160 -5.89 27.52 4.27
C ALA A 160 -7.09 27.62 3.35
N TYR A 161 -6.90 27.25 2.08
CA TYR A 161 -8.00 27.33 1.14
C TYR A 161 -9.13 26.43 1.56
N LEU A 162 -8.76 25.24 1.97
CA LEU A 162 -9.72 24.25 2.36
C LEU A 162 -10.46 24.68 3.60
N GLU A 163 -9.75 25.31 4.52
CA GLU A 163 -10.37 25.79 5.73
C GLU A 163 -11.42 26.83 5.45
N SER A 164 -11.08 27.75 4.56
CA SER A 164 -12.01 28.80 4.21
C SER A 164 -13.15 28.28 3.37
N SER A 165 -12.90 27.22 2.58
CA SER A 165 -13.95 26.64 1.77
C SER A 165 -15.06 26.16 2.67
N GLU A 166 -14.66 25.53 3.77
CA GLU A 166 -15.60 25.03 4.74
C GLU A 166 -16.30 26.12 5.48
N ALA A 167 -15.51 27.09 5.94
CA ALA A 167 -16.05 28.18 6.71
C ALA A 167 -17.08 28.92 5.91
N LEU A 168 -16.77 29.18 4.65
CA LEU A 168 -17.66 29.90 3.79
C LEU A 168 -18.98 29.25 3.64
N TYR A 169 -18.99 27.96 3.33
CA TYR A 169 -20.26 27.30 3.17
C TYR A 169 -21.06 27.42 4.43
N ASN A 170 -20.40 27.23 5.55
CA ASN A 170 -21.07 27.29 6.83
C ASN A 170 -21.64 28.67 7.10
N GLN A 171 -20.93 29.71 6.67
CA GLN A 171 -21.40 31.08 6.81
C GLN A 171 -22.67 31.27 5.99
N TYR A 172 -22.67 30.70 4.80
CA TYR A 172 -23.85 30.68 3.96
C TYR A 172 -24.99 30.00 4.67
N MET A 173 -24.71 28.80 5.17
CA MET A 173 -25.62 27.95 5.94
C MET A 173 -25.20 26.50 5.70
N SER A 200 -28.26 21.66 -6.39
CA SER A 200 -28.76 20.86 -5.28
C SER A 200 -28.15 19.48 -5.28
N LYS A 201 -27.19 19.25 -6.17
CA LYS A 201 -26.58 17.94 -6.31
C LYS A 201 -25.06 18.00 -6.39
N ARG A 202 -24.54 18.98 -7.13
CA ARG A 202 -23.10 19.12 -7.31
C ARG A 202 -22.42 19.24 -5.97
N PHE A 203 -22.85 20.22 -5.20
CA PHE A 203 -22.32 20.51 -3.88
C PHE A 203 -22.42 19.31 -2.98
N GLU A 204 -23.51 18.59 -3.13
CA GLU A 204 -23.74 17.45 -2.29
C GLU A 204 -22.61 16.48 -2.41
N LYS A 205 -22.04 16.41 -3.60
CA LYS A 205 -20.94 15.53 -3.88
C LYS A 205 -19.62 16.18 -3.51
N VAL A 206 -19.43 17.37 -4.06
CA VAL A 206 -18.20 18.11 -3.92
C VAL A 206 -17.78 18.32 -2.51
N TYR A 207 -18.73 18.66 -1.67
CA TYR A 207 -18.47 18.87 -0.28
C TYR A 207 -17.68 17.74 0.34
N THR A 208 -18.03 16.53 -0.02
CA THR A 208 -17.40 15.39 0.61
C THR A 208 -16.06 15.15 0.01
N HIS A 209 -15.92 15.54 -1.24
CA HIS A 209 -14.66 15.38 -1.91
C HIS A 209 -13.65 16.22 -1.20
N ASN A 210 -14.10 17.39 -0.79
CA ASN A 210 -13.26 18.34 -0.11
C ASN A 210 -12.73 17.78 1.16
N LEU A 211 -13.59 17.08 1.90
CA LEU A 211 -13.20 16.48 3.15
C LEU A 211 -12.07 15.50 2.94
N TYR A 212 -12.17 14.75 1.86
CA TYR A 212 -11.12 13.83 1.50
C TYR A 212 -9.83 14.53 1.25
N TYR A 213 -9.88 15.61 0.50
CA TYR A 213 -8.69 16.34 0.17
C TYR A 213 -8.01 16.82 1.44
N LEU A 214 -8.81 17.25 2.40
CA LEU A 214 -8.31 17.62 3.69
C LEU A 214 -7.64 16.47 4.37
N ALA A 215 -8.23 15.30 4.29
CA ALA A 215 -7.63 14.14 4.88
C ALA A 215 -6.26 13.89 4.26
N GLN A 216 -6.13 14.12 2.96
CA GLN A 216 -4.84 13.92 2.31
C GLN A 216 -3.82 14.82 2.93
N VAL A 217 -4.22 16.07 3.09
CA VAL A 217 -3.38 17.08 3.67
C VAL A 217 -2.99 16.70 5.06
N TYR A 218 -3.97 16.25 5.80
CA TYR A 218 -3.77 15.87 7.15
C TYR A 218 -2.85 14.72 7.28
N GLN A 219 -2.88 13.82 6.31
CA GLN A 219 -1.90 12.77 6.31
C GLN A 219 -0.52 13.39 6.32
N HIS A 220 -0.33 14.36 5.43
CA HIS A 220 0.97 15.01 5.33
C HIS A 220 1.26 15.83 6.57
N LEU A 221 0.22 16.38 7.18
CA LEU A 221 0.36 17.16 8.39
C LEU A 221 0.16 16.36 9.64
N GLU A 222 0.03 15.04 9.51
CA GLU A 222 -0.24 14.16 10.62
C GLU A 222 -1.41 14.58 11.51
N MET A 223 -2.40 15.27 10.94
CA MET A 223 -3.60 15.69 11.68
C MET A 223 -4.61 14.58 11.61
N PHE A 224 -4.24 13.47 12.23
CA PHE A 224 -4.98 12.24 12.14
C PHE A 224 -6.35 12.36 12.72
N GLU A 225 -6.45 13.12 13.79
CA GLU A 225 -7.67 13.29 14.52
C GLU A 225 -8.66 14.05 13.70
N LYS A 226 -8.18 15.10 13.08
CA LYS A 226 -9.01 15.94 12.27
C LYS A 226 -9.45 15.19 11.05
N ALA A 227 -8.53 14.43 10.48
CA ALA A 227 -8.82 13.65 9.31
C ALA A 227 -9.88 12.65 9.60
N ALA A 228 -9.76 12.00 10.74
CA ALA A 228 -10.73 11.01 11.14
C ALA A 228 -12.08 11.64 11.25
N HIS A 229 -12.14 12.84 11.80
CA HIS A 229 -13.42 13.50 11.91
C HIS A 229 -14.06 13.62 10.56
N TYR A 230 -13.27 14.05 9.59
CA TYR A 230 -13.76 14.23 8.25
C TYR A 230 -14.18 12.91 7.69
N CYS A 231 -13.43 11.86 8.02
CA CYS A 231 -13.76 10.56 7.54
C CYS A 231 -15.15 10.21 7.94
N HIS A 232 -15.50 10.49 9.18
CA HIS A 232 -16.83 10.19 9.63
C HIS A 232 -17.81 10.97 8.84
N SER A 233 -17.50 12.23 8.62
CA SER A 233 -18.38 13.08 7.88
C SER A 233 -18.61 12.53 6.49
N THR A 234 -17.58 11.98 5.88
CA THR A 234 -17.79 11.43 4.56
C THR A 234 -18.56 10.16 4.65
N LEU A 235 -18.38 9.42 5.74
CA LEU A 235 -19.14 8.20 5.89
C LEU A 235 -20.59 8.56 5.98
N LYS A 236 -20.87 9.62 6.73
CA LYS A 236 -22.20 10.13 6.89
C LYS A 236 -22.81 10.42 5.58
N ARG A 237 -22.11 11.23 4.82
CA ARG A 237 -22.64 11.73 3.58
C ARG A 237 -22.83 10.62 2.58
N GLN A 238 -21.94 9.65 2.60
CA GLN A 238 -22.08 8.49 1.75
C GLN A 238 -23.33 7.74 2.11
N LEU A 239 -23.62 7.71 3.41
CA LEU A 239 -24.84 7.11 3.93
C LEU A 239 -26.05 7.98 3.58
N GLU A 240 -25.87 9.30 3.55
CA GLU A 240 -26.96 10.22 3.24
C GLU A 240 -27.42 10.03 1.82
N HIS A 241 -26.48 9.75 0.96
CA HIS A 241 -26.76 9.54 -0.43
C HIS A 241 -26.66 8.07 -0.71
N ASN A 242 -26.53 7.68 -1.96
CA ASN A 242 -26.48 6.26 -2.24
C ASN A 242 -25.09 5.76 -2.54
N ALA A 243 -24.09 6.32 -1.87
CA ALA A 243 -22.73 5.87 -2.08
C ALA A 243 -22.50 4.61 -1.27
N TYR A 244 -23.05 3.50 -1.73
CA TYR A 244 -22.93 2.27 -0.98
C TYR A 244 -22.22 1.13 -1.66
N HIS A 245 -21.41 0.46 -0.88
CA HIS A 245 -20.78 -0.78 -1.23
C HIS A 245 -20.23 -1.37 0.05
N PRO A 246 -20.76 -2.51 0.51
CA PRO A 246 -20.45 -3.20 1.75
C PRO A 246 -18.97 -3.39 2.02
N ILE A 247 -18.22 -3.76 1.00
CA ILE A 247 -16.80 -3.98 1.20
C ILE A 247 -16.13 -2.70 1.60
N GLU A 248 -16.51 -1.62 0.94
CA GLU A 248 -15.94 -0.34 1.27
C GLU A 248 -16.28 0.02 2.69
N TRP A 249 -17.51 -0.20 3.09
CA TRP A 249 -17.90 0.15 4.43
C TRP A 249 -17.15 -0.69 5.44
N ALA A 250 -16.88 -1.93 5.10
CA ALA A 250 -16.18 -2.83 5.97
C ALA A 250 -14.81 -2.30 6.25
N ILE A 251 -14.10 -1.96 5.20
CA ILE A 251 -12.76 -1.48 5.40
C ILE A 251 -12.75 -0.11 5.97
N ASN A 252 -13.83 0.63 5.78
CA ASN A 252 -13.88 1.93 6.36
C ASN A 252 -13.97 1.78 7.85
N ALA A 253 -14.88 0.92 8.27
CA ALA A 253 -15.06 0.67 9.67
C ALA A 253 -13.80 0.09 10.25
N ALA A 254 -13.16 -0.79 9.49
CA ALA A 254 -11.96 -1.44 9.94
C ALA A 254 -10.89 -0.45 10.31
N THR A 255 -10.59 0.43 9.37
CA THR A 255 -9.53 1.37 9.62
C THR A 255 -9.93 2.38 10.64
N LEU A 256 -11.22 2.67 10.71
CA LEU A 256 -11.69 3.61 11.68
C LEU A 256 -11.51 3.07 13.07
N SER A 257 -11.89 1.82 13.24
CA SER A 257 -11.72 1.23 14.54
C SER A 257 -10.27 1.18 14.88
N GLN A 258 -9.41 0.96 13.89
CA GLN A 258 -7.99 0.92 14.16
C GLN A 258 -7.53 2.27 14.60
N PHE A 259 -8.06 3.31 13.99
CA PHE A 259 -7.77 4.66 14.42
C PHE A 259 -8.13 4.81 15.86
N TYR A 260 -9.31 4.38 16.22
CA TYR A 260 -9.75 4.45 17.58
C TYR A 260 -8.89 3.63 18.49
N ILE A 261 -8.40 2.51 17.99
CA ILE A 261 -7.50 1.72 18.77
C ILE A 261 -6.24 2.48 19.01
N ASN A 262 -5.75 3.09 17.96
CA ASN A 262 -4.54 3.87 18.02
C ASN A 262 -4.71 5.01 19.00
N LYS A 263 -5.93 5.57 19.05
CA LYS A 263 -6.26 6.66 19.95
C LYS A 263 -6.99 6.20 21.19
N LEU A 264 -7.00 4.89 21.41
CA LEU A 264 -7.67 4.24 22.51
C LEU A 264 -9.14 4.63 22.73
N CYS A 265 -9.83 5.21 21.73
CA CYS A 265 -11.24 5.55 21.91
C CYS A 265 -12.11 4.41 21.47
N PHE A 266 -11.99 3.34 22.24
CA PHE A 266 -12.61 2.09 21.95
C PHE A 266 -14.10 2.22 22.00
N MET A 267 -14.56 3.04 22.92
CA MET A 267 -15.95 3.20 23.18
C MET A 267 -16.72 3.75 22.01
N GLU A 268 -16.06 4.52 21.16
CA GLU A 268 -16.75 5.03 20.01
C GLU A 268 -16.69 3.98 18.95
N ALA A 269 -15.52 3.37 18.84
CA ALA A 269 -15.30 2.36 17.84
C ALA A 269 -16.33 1.28 17.88
N ARG A 270 -16.80 0.96 19.07
CA ARG A 270 -17.77 -0.11 19.26
C ARG A 270 -18.90 -0.14 18.25
N HIS A 271 -19.46 1.02 17.92
CA HIS A 271 -20.59 0.95 17.02
C HIS A 271 -20.15 0.91 15.57
N CYS A 272 -18.90 1.19 15.30
CA CYS A 272 -18.45 1.36 13.94
C CYS A 272 -18.48 0.11 13.07
N LEU A 273 -17.84 -0.95 13.53
CA LEU A 273 -17.82 -2.17 12.76
C LEU A 273 -19.15 -2.79 12.78
N SER A 274 -19.73 -2.77 13.94
CA SER A 274 -21.01 -3.32 14.12
C SER A 274 -22.06 -2.61 13.28
N ALA A 275 -21.86 -1.31 13.02
CA ALA A 275 -22.76 -0.63 12.11
C ALA A 275 -22.53 -1.18 10.72
N ALA A 276 -21.27 -1.38 10.37
CA ALA A 276 -20.97 -1.95 9.08
C ALA A 276 -21.57 -3.34 9.01
N ASN A 277 -21.56 -4.04 10.13
CA ASN A 277 -22.12 -5.36 10.19
C ASN A 277 -23.56 -5.32 9.72
N VAL A 278 -24.28 -4.29 10.15
CA VAL A 278 -25.64 -4.12 9.69
C VAL A 278 -25.67 -3.90 8.19
N ILE A 279 -24.78 -3.05 7.71
CA ILE A 279 -24.69 -2.75 6.29
C ILE A 279 -24.52 -3.99 5.44
N PHE A 280 -23.85 -5.00 5.98
CA PHE A 280 -23.56 -6.19 5.22
C PHE A 280 -24.79 -6.98 4.82
N GLY A 281 -25.94 -6.66 5.40
CA GLY A 281 -27.19 -7.30 5.02
C GLY A 281 -27.56 -6.94 3.58
N GLN A 282 -26.99 -5.86 3.06
CA GLN A 282 -27.21 -5.46 1.68
C GLN A 282 -25.89 -5.24 1.00
N GLU A 301 -16.13 -14.00 -4.29
CA GLU A 301 -14.92 -13.24 -4.01
C GLU A 301 -15.02 -12.72 -2.59
N LEU A 302 -14.73 -11.43 -2.41
CA LEU A 302 -14.84 -10.75 -1.12
C LEU A 302 -16.26 -10.71 -0.65
N TYR A 303 -17.18 -11.04 -1.55
CA TYR A 303 -18.58 -11.19 -1.29
C TYR A 303 -18.75 -12.06 -0.06
N HIS A 304 -17.86 -13.04 0.08
CA HIS A 304 -17.85 -13.86 1.25
C HIS A 304 -16.49 -13.84 1.92
N GLN A 305 -15.43 -13.63 1.14
CA GLN A 305 -14.09 -13.64 1.70
C GLN A 305 -13.76 -12.47 2.60
N ARG A 306 -14.45 -11.34 2.44
CA ARG A 306 -14.20 -10.16 3.26
C ARG A 306 -14.54 -10.39 4.72
N LYS A 307 -15.33 -11.42 4.98
CA LYS A 307 -15.81 -11.70 6.29
C LYS A 307 -14.68 -11.97 7.27
N GLY A 308 -13.54 -12.46 6.80
CA GLY A 308 -12.44 -12.71 7.71
C GLY A 308 -11.78 -11.43 8.12
N GLU A 309 -11.74 -10.48 7.21
CA GLU A 309 -11.19 -9.19 7.50
C GLU A 309 -12.03 -8.55 8.57
N ILE A 310 -13.33 -8.71 8.40
CA ILE A 310 -14.29 -8.22 9.33
C ILE A 310 -14.12 -8.89 10.68
N ALA A 311 -14.02 -10.20 10.68
CA ALA A 311 -13.84 -10.96 11.90
C ALA A 311 -12.58 -10.53 12.61
N ARG A 312 -11.53 -10.28 11.85
CA ARG A 312 -10.27 -9.88 12.42
C ARG A 312 -10.47 -8.62 13.22
N CYS A 313 -11.26 -7.72 12.68
CA CYS A 313 -11.54 -6.49 13.36
C CYS A 313 -12.39 -6.71 14.59
N TRP A 314 -13.33 -7.65 14.53
CA TRP A 314 -14.12 -7.97 15.70
C TRP A 314 -13.20 -8.46 16.79
N ILE A 315 -12.22 -9.26 16.38
CA ILE A 315 -11.20 -9.71 17.26
C ILE A 315 -10.43 -8.55 17.82
N LYS A 316 -10.06 -7.61 16.97
CA LYS A 316 -9.34 -6.45 17.46
C LYS A 316 -10.10 -5.77 18.56
N TYR A 317 -11.42 -5.67 18.42
CA TYR A 317 -12.19 -5.09 19.49
C TYR A 317 -11.85 -5.79 20.75
N CYS A 318 -12.01 -7.10 20.72
CA CYS A 318 -11.80 -7.89 21.88
C CYS A 318 -10.40 -7.81 22.40
N LEU A 319 -9.43 -7.69 21.51
CA LEU A 319 -8.05 -7.61 21.95
C LEU A 319 -7.86 -6.39 22.79
N THR A 320 -8.49 -5.32 22.39
CA THR A 320 -8.34 -4.09 23.12
C THR A 320 -9.28 -4.01 24.27
N LEU A 321 -10.38 -4.72 24.20
CA LEU A 321 -11.27 -4.79 25.33
C LEU A 321 -10.60 -5.57 26.41
N MET A 322 -9.82 -6.57 26.00
CA MET A 322 -9.04 -7.30 26.95
C MET A 322 -7.96 -6.40 27.44
N GLN A 323 -7.41 -5.56 26.59
CA GLN A 323 -6.45 -4.61 27.09
C GLN A 323 -7.09 -3.65 28.07
N ASN A 324 -8.35 -3.31 27.86
CA ASN A 324 -9.05 -2.48 28.81
C ASN A 324 -9.10 -3.23 30.12
N ALA A 325 -9.37 -4.52 30.04
CA ALA A 325 -9.34 -5.35 31.22
C ALA A 325 -7.94 -5.36 31.80
N GLN A 326 -6.92 -5.35 30.94
CA GLN A 326 -5.54 -5.35 31.38
C GLN A 326 -5.04 -4.00 31.80
N LEU A 327 -5.94 -3.01 31.91
CA LEU A 327 -5.56 -1.75 32.50
C LEU A 327 -5.35 -2.06 33.96
N SER A 328 -6.13 -3.02 34.47
CA SER A 328 -5.92 -3.57 35.78
C SER A 328 -5.26 -4.90 35.51
N MET A 329 -4.04 -4.83 35.01
CA MET A 329 -3.30 -5.98 34.56
C MET A 329 -3.55 -7.20 35.41
N GLN A 330 -4.04 -8.25 34.75
CA GLN A 330 -4.42 -9.50 35.40
C GLN A 330 -3.28 -10.11 36.17
N ASP A 331 -2.06 -9.93 35.69
CA ASP A 331 -0.90 -10.41 36.40
C ASP A 331 -0.73 -9.69 37.73
N ASN A 332 -1.18 -8.44 37.80
CA ASN A 332 -1.06 -7.63 38.99
C ASN A 332 -2.26 -7.72 39.92
N ILE A 333 -3.38 -8.24 39.41
CA ILE A 333 -4.57 -8.37 40.26
C ILE A 333 -5.01 -9.81 40.37
N GLY A 334 -5.97 -10.07 41.25
CA GLY A 334 -6.49 -11.41 41.40
C GLY A 334 -7.69 -11.59 40.47
N GLU A 335 -8.55 -12.56 40.77
CA GLU A 335 -9.75 -12.76 39.97
C GLU A 335 -10.78 -11.65 40.22
N LEU A 336 -10.59 -10.88 41.28
CA LEU A 336 -11.47 -9.78 41.61
C LEU A 336 -11.00 -8.50 40.96
N ASP A 337 -11.93 -7.59 40.79
CA ASP A 337 -11.64 -6.31 40.18
C ASP A 337 -12.51 -5.29 40.86
N LEU A 338 -12.39 -4.06 40.42
CA LEU A 338 -13.02 -2.94 41.05
C LEU A 338 -12.45 -2.83 42.42
N ASP A 339 -11.16 -3.11 42.48
CA ASP A 339 -10.32 -2.87 43.60
C ASP A 339 -9.99 -1.41 43.38
N LYS A 340 -9.81 -1.13 42.08
CA LYS A 340 -9.95 0.17 41.46
C LYS A 340 -11.34 0.68 41.66
N GLN A 341 -11.60 1.92 41.27
CA GLN A 341 -12.96 2.38 41.43
C GLN A 341 -13.87 1.37 40.79
N SER A 342 -15.07 1.27 41.28
CA SER A 342 -16.01 0.39 40.65
C SER A 342 -16.49 1.17 39.46
N GLU A 343 -17.62 1.81 39.59
CA GLU A 343 -18.09 2.72 38.59
C GLU A 343 -18.05 2.25 37.16
N LEU A 344 -18.20 0.96 36.89
CA LEU A 344 -18.10 0.51 35.51
C LEU A 344 -19.17 1.12 34.63
N ARG A 345 -20.32 1.41 35.23
CA ARG A 345 -21.41 2.05 34.53
C ARG A 345 -21.91 3.19 35.38
N ALA A 346 -20.99 3.86 36.08
CA ALA A 346 -21.39 4.95 36.94
C ALA A 346 -22.16 5.96 36.17
N LEU A 347 -23.22 6.48 36.79
CA LEU A 347 -24.01 7.54 36.21
C LEU A 347 -23.11 8.69 35.84
N ARG A 348 -22.11 8.95 36.67
CA ARG A 348 -21.09 9.94 36.40
C ARG A 348 -20.47 9.70 35.04
N LYS A 349 -20.03 8.47 34.82
CA LYS A 349 -19.45 8.10 33.54
C LYS A 349 -20.49 8.13 32.45
N LYS A 350 -21.72 7.76 32.77
CA LYS A 350 -22.78 7.80 31.77
C LYS A 350 -22.99 9.22 31.30
N GLU A 351 -22.93 10.17 32.23
CA GLU A 351 -23.09 11.56 31.90
C GLU A 351 -21.89 12.06 31.13
N LEU A 352 -20.70 11.65 31.55
CA LEU A 352 -19.48 12.00 30.85
C LEU A 352 -19.55 11.51 29.42
N ASP A 353 -19.91 10.26 29.30
CA ASP A 353 -20.08 9.62 28.03
C ASP A 353 -21.19 10.26 27.26
N GLU A 354 -22.24 10.72 27.95
CA GLU A 354 -23.34 11.40 27.29
C GLU A 354 -22.90 12.72 26.71
N GLU A 355 -22.07 13.44 27.46
CA GLU A 355 -21.52 14.70 27.00
C GLU A 355 -20.68 14.46 25.78
N GLU A 356 -19.93 13.37 25.81
CA GLU A 356 -19.16 12.98 24.66
C GLU A 356 -20.08 12.49 23.56
N SER A 357 -21.17 11.83 23.96
CA SER A 357 -22.14 11.27 23.04
C SER A 357 -22.96 12.35 22.39
N ILE A 358 -22.87 13.57 22.88
CA ILE A 358 -23.46 14.67 22.15
C ILE A 358 -22.85 14.62 20.75
N ARG A 359 -21.55 14.32 20.69
CA ARG A 359 -20.84 14.18 19.45
C ARG A 359 -20.93 12.75 18.90
N LYS A 360 -20.78 11.73 19.75
CA LYS A 360 -20.80 10.35 19.24
C LYS A 360 -22.14 10.01 18.60
N LYS A 361 -23.22 10.54 19.17
CA LYS A 361 -24.55 10.33 18.59
C LYS A 361 -24.64 11.02 17.26
N ALA A 362 -23.89 12.10 17.09
CA ALA A 362 -23.84 12.72 15.78
C ALA A 362 -23.13 11.75 14.85
N VAL A 363 -22.08 11.10 15.36
CA VAL A 363 -21.35 10.10 14.62
C VAL A 363 -22.24 8.90 14.28
N GLN A 364 -23.13 8.53 15.18
CA GLN A 364 -24.12 7.53 14.83
C GLN A 364 -24.91 8.04 13.64
N PHE A 365 -24.49 7.65 12.45
CA PHE A 365 -25.10 8.18 11.23
C PHE A 365 -26.22 7.33 10.72
N GLY A 366 -26.99 6.74 11.62
CA GLY A 366 -28.07 5.88 11.23
C GLY A 366 -29.38 6.64 10.95
N THR A 367 -29.34 7.97 10.98
CA THR A 367 -30.50 8.83 10.67
C THR A 367 -31.84 8.29 11.16
N GLY A 368 -31.89 7.79 12.39
CA GLY A 368 -33.12 7.28 12.99
C GLY A 368 -33.39 5.84 12.58
N GLU A 369 -33.64 5.62 11.30
CA GLU A 369 -33.92 4.28 10.77
C GLU A 369 -32.82 3.31 11.07
N LEU A 370 -31.62 3.68 10.67
CA LEU A 370 -30.51 2.83 10.92
C LEU A 370 -29.94 3.12 12.26
N CYS A 371 -30.36 4.20 12.91
CA CYS A 371 -29.97 4.39 14.29
C CYS A 371 -30.71 3.38 15.13
N ASP A 372 -31.89 2.98 14.69
CA ASP A 372 -32.60 1.92 15.35
C ASP A 372 -31.87 0.62 15.08
N ALA A 373 -31.37 0.46 13.86
CA ALA A 373 -30.52 -0.69 13.58
C ALA A 373 -29.29 -0.60 14.47
N ILE A 374 -28.78 0.62 14.64
CA ILE A 374 -27.68 0.87 15.52
C ILE A 374 -28.08 0.54 16.93
N SER A 375 -29.32 0.79 17.32
CA SER A 375 -29.76 0.42 18.66
C SER A 375 -29.61 -1.09 18.84
N ALA A 376 -29.99 -1.88 17.84
CA ALA A 376 -29.78 -3.32 17.92
C ALA A 376 -28.28 -3.58 18.09
N VAL A 377 -27.50 -2.82 17.35
CA VAL A 377 -26.05 -2.76 17.56
C VAL A 377 -25.64 -2.27 18.93
N GLU A 378 -26.36 -1.32 19.50
CA GLU A 378 -26.01 -0.77 20.79
C GLU A 378 -26.00 -1.83 21.84
N GLU A 379 -26.81 -2.87 21.66
CA GLU A 379 -26.73 -4.00 22.57
C GLU A 379 -25.29 -4.53 22.64
N LYS A 380 -24.58 -4.48 21.52
CA LYS A 380 -23.20 -4.91 21.49
C LYS A 380 -22.32 -3.78 21.96
N VAL A 381 -22.70 -2.56 21.61
CA VAL A 381 -21.94 -1.37 22.02
C VAL A 381 -21.91 -1.23 23.52
N SER A 382 -22.89 -1.78 24.21
CA SER A 382 -22.93 -1.70 25.65
C SER A 382 -21.69 -2.29 26.33
N TYR A 383 -20.96 -3.15 25.63
CA TYR A 383 -19.77 -3.79 26.17
C TYR A 383 -18.71 -2.70 26.40
N LEU A 384 -18.13 -2.63 27.58
CA LEU A 384 -17.14 -1.60 27.87
C LEU A 384 -15.94 -2.16 28.61
N ARG A 385 -16.17 -2.58 29.85
CA ARG A 385 -15.16 -3.17 30.71
C ARG A 385 -15.76 -4.25 31.61
N PRO A 386 -16.09 -5.42 31.05
CA PRO A 386 -16.71 -6.58 31.68
C PRO A 386 -15.76 -7.30 32.62
N LEU A 387 -16.31 -7.96 33.64
CA LEU A 387 -15.50 -8.70 34.59
C LEU A 387 -15.80 -10.19 34.59
N ASP A 388 -16.92 -10.61 35.17
CA ASP A 388 -17.28 -12.03 35.18
C ASP A 388 -18.09 -12.41 33.97
N PHE A 389 -17.52 -12.15 32.81
CA PHE A 389 -18.21 -12.41 31.59
C PHE A 389 -17.39 -13.17 30.65
N GLU A 390 -16.43 -13.93 31.13
CA GLU A 390 -15.59 -14.69 30.24
C GLU A 390 -16.36 -15.65 29.36
N GLU A 391 -17.51 -16.12 29.83
CA GLU A 391 -18.34 -16.96 29.00
C GLU A 391 -18.94 -16.11 27.90
N ALA A 392 -19.44 -14.94 28.28
CA ALA A 392 -20.02 -14.02 27.33
C ALA A 392 -18.94 -13.48 26.41
N ARG A 393 -17.79 -13.17 26.96
CA ARG A 393 -16.68 -12.67 26.17
C ARG A 393 -16.31 -13.66 25.12
N GLU A 394 -16.19 -14.91 25.53
CA GLU A 394 -15.89 -15.98 24.61
C GLU A 394 -16.98 -16.12 23.63
N LEU A 395 -18.21 -16.02 24.08
CA LEU A 395 -19.33 -16.09 23.19
C LEU A 395 -19.27 -15.00 22.13
N PHE A 396 -18.84 -13.81 22.52
CA PHE A 396 -18.73 -12.71 21.58
C PHE A 396 -17.75 -13.14 20.51
N LEU A 397 -16.65 -13.75 20.95
CA LEU A 397 -15.71 -14.35 20.03
C LEU A 397 -16.34 -15.40 19.21
N LEU A 398 -17.04 -16.33 19.84
CA LEU A 398 -17.59 -17.46 19.14
C LEU A 398 -18.49 -17.07 18.00
N GLY A 399 -19.31 -16.05 18.17
CA GLY A 399 -20.13 -15.63 17.07
C GLY A 399 -19.24 -15.25 15.88
N GLN A 400 -18.18 -14.52 16.17
CA GLN A 400 -17.29 -14.08 15.11
C GLN A 400 -16.17 -15.09 14.87
N HIS A 401 -16.10 -16.10 15.71
CA HIS A 401 -15.16 -17.18 15.62
C HIS A 401 -15.59 -18.01 14.50
N TYR A 402 -16.88 -18.26 14.46
CA TYR A 402 -17.47 -19.04 13.41
C TYR A 402 -17.27 -18.34 12.08
N VAL A 403 -17.38 -17.00 12.09
CA VAL A 403 -17.08 -16.23 10.90
C VAL A 403 -15.61 -16.43 10.54
N PHE A 404 -14.76 -16.35 11.55
CA PHE A 404 -13.35 -16.69 11.46
C PHE A 404 -13.09 -18.08 10.88
N GLU A 405 -13.84 -19.07 11.31
CA GLU A 405 -13.69 -20.41 10.78
C GLU A 405 -13.97 -20.41 9.29
N ALA A 406 -14.91 -19.61 8.82
CA ALA A 406 -15.09 -19.47 7.37
C ALA A 406 -13.81 -18.93 6.72
N LYS A 407 -13.09 -18.04 7.40
CA LYS A 407 -11.84 -17.55 6.84
C LYS A 407 -10.78 -18.64 6.84
N GLU A 408 -10.82 -19.53 7.85
CA GLU A 408 -9.89 -20.66 7.88
C GLU A 408 -10.13 -21.48 6.64
N PHE A 409 -11.40 -21.62 6.28
CA PHE A 409 -11.80 -22.24 5.02
C PHE A 409 -11.30 -21.49 3.79
N PHE A 410 -11.53 -20.16 3.76
CA PHE A 410 -11.16 -19.36 2.60
C PHE A 410 -9.66 -19.36 2.33
N GLN A 411 -8.86 -19.33 3.38
CA GLN A 411 -7.42 -19.37 3.23
C GLN A 411 -6.89 -20.78 2.98
N ILE A 412 -5.87 -20.88 2.14
CA ILE A 412 -5.37 -22.20 1.80
C ILE A 412 -4.26 -22.64 2.72
N ASP A 413 -4.65 -22.94 3.95
CA ASP A 413 -3.77 -23.45 5.00
C ASP A 413 -2.56 -22.56 5.37
N GLY A 414 -2.54 -21.31 4.91
CA GLY A 414 -1.44 -20.39 5.18
C GLY A 414 -1.85 -19.38 6.22
N TYR A 415 -2.59 -18.39 5.77
CA TYR A 415 -3.10 -17.34 6.63
C TYR A 415 -4.16 -17.86 7.55
N VAL A 416 -4.58 -19.10 7.32
CA VAL A 416 -5.45 -19.79 8.20
C VAL A 416 -4.83 -19.75 9.56
N THR A 417 -3.55 -20.10 9.61
CA THR A 417 -2.84 -20.22 10.86
C THR A 417 -2.42 -18.87 11.37
N ASP A 418 -2.26 -17.92 10.48
CA ASP A 418 -1.95 -16.58 10.94
C ASP A 418 -3.12 -16.04 11.76
N HIS A 419 -4.32 -16.33 11.28
CA HIS A 419 -5.52 -15.91 11.97
C HIS A 419 -5.82 -16.77 13.18
N ILE A 420 -5.58 -18.08 13.06
CA ILE A 420 -5.78 -18.97 14.20
C ILE A 420 -4.89 -18.55 15.32
N GLU A 421 -3.64 -18.25 14.99
CA GLU A 421 -2.66 -17.82 15.95
C GLU A 421 -3.22 -16.78 16.86
N VAL A 422 -3.78 -15.76 16.25
CA VAL A 422 -4.37 -14.68 16.98
C VAL A 422 -5.53 -15.14 17.84
N VAL A 423 -6.42 -15.91 17.23
CA VAL A 423 -7.62 -16.39 17.89
C VAL A 423 -7.34 -17.25 19.10
N GLN A 424 -6.32 -18.08 19.02
CA GLN A 424 -5.98 -18.91 20.14
C GLN A 424 -5.57 -18.10 21.31
N ASP A 425 -4.71 -17.12 21.05
CA ASP A 425 -4.27 -16.27 22.11
C ASP A 425 -5.43 -15.50 22.66
N HIS A 426 -6.29 -15.07 21.77
CA HIS A 426 -7.47 -14.33 22.11
C HIS A 426 -8.36 -15.06 23.08
N SER A 427 -8.70 -16.30 22.75
CA SER A 427 -9.52 -17.09 23.64
C SER A 427 -8.78 -17.34 24.93
N ALA A 428 -7.49 -17.63 24.82
CA ALA A 428 -6.68 -17.87 25.99
C ALA A 428 -6.64 -16.65 26.89
N LEU A 429 -6.61 -15.47 26.29
CA LEU A 429 -6.62 -14.26 27.05
C LEU A 429 -7.93 -14.08 27.79
N PHE A 430 -9.04 -14.57 27.22
CA PHE A 430 -10.29 -14.56 27.97
C PHE A 430 -10.13 -15.44 29.20
N LYS A 431 -9.36 -16.50 29.06
CA LYS A 431 -9.11 -17.37 30.19
C LYS A 431 -8.05 -16.79 31.12
N VAL A 432 -7.24 -15.88 30.64
CA VAL A 432 -6.38 -15.15 31.55
C VAL A 432 -7.28 -14.34 32.46
N LEU A 433 -8.29 -13.72 31.87
CA LEU A 433 -9.27 -12.97 32.62
C LEU A 433 -10.08 -13.89 33.51
N ALA A 434 -10.38 -15.10 33.03
CA ALA A 434 -11.04 -16.10 33.86
C ALA A 434 -10.00 -16.72 34.75
N PHE A 435 -9.60 -15.96 35.73
CA PHE A 435 -8.47 -16.27 36.59
C PHE A 435 -8.83 -17.33 37.63
N PHE A 436 -9.05 -18.56 37.16
CA PHE A 436 -9.44 -19.65 38.03
C PHE A 436 -8.64 -20.92 37.74
N GLU A 437 -8.22 -21.60 38.79
CA GLU A 437 -7.49 -22.86 38.64
C GLU A 437 -8.44 -24.00 38.24
N THR A 438 -9.73 -23.76 38.37
CA THR A 438 -10.73 -24.73 38.03
C THR A 438 -11.09 -24.67 36.56
N ASP A 439 -10.63 -23.63 35.86
CA ASP A 439 -10.94 -23.49 34.47
C ASP A 439 -9.69 -23.38 33.64
N MET A 440 -9.21 -24.53 33.17
CA MET A 440 -8.02 -24.55 32.34
C MET A 440 -8.24 -25.44 31.13
N GLU A 441 -9.48 -25.89 30.96
CA GLU A 441 -9.83 -26.78 29.88
C GLU A 441 -9.72 -26.08 28.54
N ARG A 442 -10.13 -24.83 28.50
CA ARG A 442 -9.97 -24.05 27.30
C ARG A 442 -8.52 -23.81 26.99
N ARG A 443 -7.71 -23.64 28.03
CA ARG A 443 -6.29 -23.44 27.86
C ARG A 443 -5.74 -24.67 27.13
N CYS A 444 -6.25 -25.85 27.50
CA CYS A 444 -5.88 -27.07 26.81
C CYS A 444 -6.37 -27.05 25.37
N LYS A 445 -7.63 -26.64 25.15
CA LYS A 445 -8.19 -26.60 23.80
C LYS A 445 -7.41 -25.68 22.87
N MET A 446 -6.91 -24.56 23.39
CA MET A 446 -6.12 -23.66 22.56
C MET A 446 -4.83 -24.34 22.16
N HIS A 447 -4.23 -25.09 23.09
CA HIS A 447 -3.06 -25.88 22.77
C HIS A 447 -3.39 -26.92 21.72
N LYS A 448 -4.57 -27.54 21.83
CA LYS A 448 -4.99 -28.54 20.85
C LYS A 448 -5.02 -27.96 19.46
N ARG A 449 -5.45 -26.71 19.35
CA ARG A 449 -5.44 -26.07 18.07
C ARG A 449 -4.01 -25.82 17.62
N ARG A 450 -3.12 -25.50 18.57
CA ARG A 450 -1.72 -25.35 18.22
C ARG A 450 -1.16 -26.66 17.73
N ILE A 451 -1.62 -27.77 18.29
CA ILE A 451 -1.19 -29.06 17.81
C ILE A 451 -1.63 -29.21 16.36
N ALA A 452 -2.85 -28.77 16.03
CA ALA A 452 -3.29 -28.77 14.63
C ALA A 452 -2.36 -27.87 13.79
N MET A 453 -1.86 -26.80 14.41
CA MET A 453 -0.92 -25.87 13.79
C MET A 453 0.54 -26.38 13.81
N LEU A 454 0.79 -27.55 14.40
CA LEU A 454 2.13 -28.13 14.41
C LEU A 454 2.49 -28.66 13.03
N GLU A 455 1.58 -29.46 12.45
CA GLU A 455 1.75 -30.05 11.12
C GLU A 455 2.31 -29.07 10.05
N PRO A 456 1.79 -27.81 9.94
CA PRO A 456 2.29 -26.70 9.13
C PRO A 456 3.79 -26.42 9.27
N LEU A 457 4.41 -26.75 10.39
CA LEU A 457 5.84 -26.52 10.54
C LEU A 457 6.67 -27.55 9.77
N THR A 458 6.05 -28.68 9.44
CA THR A 458 6.73 -29.69 8.63
C THR A 458 6.39 -29.40 7.18
N VAL A 459 5.25 -28.73 6.99
CA VAL A 459 4.83 -28.27 5.68
C VAL A 459 5.75 -27.18 5.17
N ASP A 460 5.98 -26.18 6.00
CA ASP A 460 6.78 -25.06 5.57
C ASP A 460 8.23 -25.46 5.42
N LEU A 461 8.58 -25.82 4.19
CA LEU A 461 9.94 -26.23 3.90
C LEU A 461 10.79 -25.06 3.49
N ASN A 462 10.16 -23.91 3.31
CA ASN A 462 10.92 -22.71 3.11
C ASN A 462 11.67 -22.54 4.42
N PRO A 463 12.83 -21.90 4.43
CA PRO A 463 13.69 -21.65 5.58
C PRO A 463 13.11 -20.50 6.42
N GLN A 464 11.86 -20.64 6.81
CA GLN A 464 11.13 -19.62 7.54
C GLN A 464 11.38 -19.84 9.00
N TYR A 465 12.63 -19.70 9.39
CA TYR A 465 13.08 -19.96 10.73
C TYR A 465 12.31 -19.19 11.75
N TYR A 466 12.19 -17.89 11.56
CA TYR A 466 11.49 -17.10 12.55
C TYR A 466 9.99 -17.32 12.52
N LEU A 467 9.45 -17.67 11.37
CA LEU A 467 8.03 -18.02 11.29
C LEU A 467 7.82 -19.24 12.16
N LEU A 468 8.65 -20.24 11.90
CA LEU A 468 8.66 -21.49 12.62
C LEU A 468 8.85 -21.26 14.10
N VAL A 469 9.83 -20.44 14.44
CA VAL A 469 10.09 -20.09 15.83
C VAL A 469 8.90 -19.41 16.44
N ASN A 470 8.26 -18.50 15.71
CA ASN A 470 7.06 -17.86 16.22
C ASN A 470 6.01 -18.89 16.59
N ARG A 471 5.85 -19.90 15.74
CA ARG A 471 4.94 -20.98 16.03
C ARG A 471 5.44 -21.80 17.22
N GLN A 472 6.76 -21.99 17.33
CA GLN A 472 7.32 -22.66 18.49
C GLN A 472 7.02 -21.87 19.76
N ILE A 473 7.08 -20.55 19.65
CA ILE A 473 6.73 -19.65 20.74
C ILE A 473 5.29 -19.84 21.10
N GLN A 474 4.42 -20.02 20.11
CA GLN A 474 3.03 -20.32 20.40
C GLN A 474 2.90 -21.59 21.23
N PHE A 475 3.73 -22.59 20.95
CA PHE A 475 3.67 -23.79 21.77
C PHE A 475 4.17 -23.49 23.17
N GLU A 476 5.23 -22.66 23.26
CA GLU A 476 5.77 -22.22 24.54
C GLU A 476 4.69 -21.55 25.36
N ILE A 477 3.89 -20.71 24.70
CA ILE A 477 2.78 -20.02 25.32
C ILE A 477 1.76 -20.99 25.85
N ALA A 478 1.42 -21.99 25.06
CA ALA A 478 0.50 -23.00 25.54
C ALA A 478 1.05 -23.70 26.76
N HIS A 479 2.34 -23.97 26.72
CA HIS A 479 2.99 -24.62 27.83
C HIS A 479 3.01 -23.70 29.05
N ALA A 480 3.14 -22.40 28.81
CA ALA A 480 3.10 -21.41 29.87
C ALA A 480 1.75 -21.44 30.56
N TYR A 481 0.67 -21.78 29.82
CA TYR A 481 -0.66 -21.89 30.44
C TYR A 481 -0.59 -22.89 31.56
N TYR A 482 0.12 -23.98 31.27
CA TYR A 482 0.22 -25.10 32.17
C TYR A 482 1.22 -24.80 33.27
N ASP A 483 2.24 -24.00 32.95
CA ASP A 483 3.21 -23.57 33.96
C ASP A 483 2.51 -22.79 35.05
N MET A 484 1.54 -21.97 34.63
CA MET A 484 0.74 -21.21 35.58
C MET A 484 -0.20 -22.12 36.35
N MET A 485 -0.73 -23.15 35.69
CA MET A 485 -1.55 -24.12 36.38
C MET A 485 -0.75 -24.94 37.39
N ASP A 486 0.52 -25.16 37.09
CA ASP A 486 1.40 -25.89 37.98
C ASP A 486 2.34 -24.92 38.71
N MET B 12 21.90 -8.41 1.59
CA MET B 12 21.37 -7.08 1.88
C MET B 12 22.35 -6.00 1.45
N LYS B 13 22.55 -5.87 0.15
CA LYS B 13 23.51 -4.91 -0.38
C LYS B 13 22.86 -3.82 -1.21
N VAL B 14 23.47 -2.63 -1.22
CA VAL B 14 22.98 -1.52 -2.05
C VAL B 14 24.11 -0.94 -2.89
N VAL B 15 23.87 -0.88 -4.18
CA VAL B 15 24.87 -0.39 -5.12
C VAL B 15 24.27 0.68 -6.05
N VAL B 16 25.14 1.41 -6.76
CA VAL B 16 24.70 2.50 -7.64
C VAL B 16 25.30 2.48 -9.04
N ARG B 17 24.47 2.71 -10.07
CA ARG B 17 25.02 2.85 -11.41
C ARG B 17 24.74 4.23 -11.95
N VAL B 18 25.75 5.07 -11.94
CA VAL B 18 25.58 6.41 -12.44
C VAL B 18 25.65 6.36 -13.94
N ARG B 19 24.62 6.82 -14.62
CA ARG B 19 24.60 6.79 -16.08
C ARG B 19 25.42 7.91 -16.66
N PRO B 20 25.84 7.80 -17.92
CA PRO B 20 26.53 8.82 -18.69
C PRO B 20 25.54 9.90 -19.10
N GLU B 21 26.07 11.09 -19.37
CA GLU B 21 25.27 12.24 -19.77
C GLU B 21 24.93 12.19 -21.25
N ASN B 22 23.75 12.70 -21.61
CA ASN B 22 23.28 12.66 -23.00
C ASN B 22 23.54 13.96 -23.76
N THR B 23 23.17 13.97 -25.04
CA THR B 23 23.35 15.10 -25.94
C THR B 23 22.79 16.40 -25.40
N LYS B 24 21.56 16.36 -24.92
CA LYS B 24 20.91 17.54 -24.34
C LYS B 24 21.67 18.06 -23.15
N GLU B 25 22.10 17.15 -22.29
CA GLU B 25 22.85 17.53 -21.11
C GLU B 25 24.18 18.15 -21.47
N LYS B 26 24.76 17.73 -22.59
CA LYS B 26 26.01 18.30 -23.04
C LYS B 26 25.77 19.62 -23.79
N ALA B 27 24.67 19.69 -24.53
CA ALA B 27 24.33 20.89 -25.26
C ALA B 27 23.82 21.94 -24.31
N ALA B 28 22.73 21.63 -23.63
CA ALA B 28 22.20 22.47 -22.59
C ALA B 28 22.98 22.22 -21.33
N GLY B 29 24.23 22.66 -21.32
CA GLY B 29 25.16 22.45 -20.23
C GLY B 29 24.49 22.49 -18.86
N PHE B 30 24.13 21.33 -18.33
CA PHE B 30 23.55 21.30 -16.99
C PHE B 30 24.67 21.02 -16.03
N HIS B 31 24.63 21.64 -14.87
CA HIS B 31 25.71 21.40 -13.94
C HIS B 31 25.61 19.96 -13.47
N LYS B 32 26.73 19.26 -13.46
CA LYS B 32 26.70 17.89 -12.97
C LYS B 32 26.67 17.90 -11.46
N VAL B 33 25.79 17.08 -10.92
CA VAL B 33 25.58 16.98 -9.49
C VAL B 33 26.27 15.77 -8.89
N VAL B 34 26.17 14.65 -9.58
CA VAL B 34 26.75 13.43 -9.06
C VAL B 34 28.24 13.29 -9.36
N HIS B 35 29.03 13.10 -8.31
CA HIS B 35 30.45 12.88 -8.46
C HIS B 35 30.88 11.55 -7.88
N VAL B 36 31.38 10.66 -8.71
CA VAL B 36 31.83 9.37 -8.22
C VAL B 36 33.24 9.50 -7.67
N VAL B 37 33.47 9.00 -6.46
CA VAL B 37 34.78 9.12 -5.83
C VAL B 37 35.54 7.79 -5.87
N ASP B 38 34.95 6.74 -5.31
CA ASP B 38 35.59 5.42 -5.34
C ASP B 38 34.53 4.33 -5.34
N LYS B 39 34.96 3.09 -5.11
CA LYS B 39 34.05 1.94 -5.07
C LYS B 39 32.85 2.14 -4.15
N HIS B 40 33.07 2.73 -2.98
CA HIS B 40 32.00 2.87 -2.02
C HIS B 40 31.49 4.31 -1.87
N ILE B 41 32.24 5.28 -2.36
CA ILE B 41 31.86 6.67 -2.17
C ILE B 41 31.52 7.50 -3.39
N LEU B 42 30.43 8.24 -3.28
CA LEU B 42 30.08 9.23 -4.29
C LEU B 42 29.57 10.45 -3.56
N VAL B 43 29.68 11.60 -4.20
CA VAL B 43 29.25 12.82 -3.60
C VAL B 43 28.09 13.48 -4.32
N PHE B 44 27.04 13.74 -3.57
CA PHE B 44 25.89 14.42 -4.11
C PHE B 44 26.04 15.90 -3.96
N ASP B 45 26.07 16.61 -5.09
CA ASP B 45 26.17 18.05 -5.07
C ASP B 45 27.40 18.53 -4.33
N LYS B 70 25.23 20.47 -1.37
CA LYS B 70 24.97 19.56 -0.26
C LYS B 70 26.25 18.83 0.14
N ASP B 71 27.09 18.52 -0.85
CA ASP B 71 28.36 17.82 -0.65
C ASP B 71 28.18 16.55 0.18
N LEU B 72 27.24 15.70 -0.23
CA LEU B 72 26.94 14.54 0.59
C LEU B 72 27.72 13.31 0.22
N LYS B 73 28.58 12.89 1.12
CA LYS B 73 29.39 11.72 0.91
C LYS B 73 28.58 10.47 1.17
N PHE B 74 27.90 9.97 0.16
CA PHE B 74 27.10 8.77 0.33
C PHE B 74 27.98 7.54 0.22
N VAL B 75 27.73 6.57 1.10
CA VAL B 75 28.52 5.34 1.15
C VAL B 75 27.69 4.10 0.80
N PHE B 76 28.16 3.37 -0.20
CA PHE B 76 27.50 2.18 -0.74
C PHE B 76 28.37 0.95 -0.65
N ASP B 77 27.84 -0.17 -1.13
CA ASP B 77 28.56 -1.43 -1.18
C ASP B 77 29.36 -1.54 -2.48
N ALA B 78 28.99 -0.73 -3.48
CA ALA B 78 29.70 -0.63 -4.75
C ALA B 78 29.01 0.42 -5.64
N VAL B 79 29.82 1.27 -6.26
CA VAL B 79 29.33 2.31 -7.15
C VAL B 79 29.98 2.21 -8.51
N PHE B 80 29.17 2.25 -9.54
CA PHE B 80 29.63 2.21 -10.89
C PHE B 80 29.48 3.59 -11.49
N ASP B 81 30.46 3.99 -12.29
CA ASP B 81 30.44 5.31 -12.87
C ASP B 81 29.76 5.29 -14.23
N GLU B 82 29.77 6.44 -14.89
CA GLU B 82 29.15 6.68 -16.18
C GLU B 82 29.57 5.75 -17.31
N THR B 83 30.73 5.15 -17.20
CA THR B 83 31.27 4.34 -18.28
C THR B 83 31.40 2.85 -17.96
N SER B 84 30.89 2.40 -16.82
CA SER B 84 31.04 0.97 -16.48
C SER B 84 30.36 0.06 -17.50
N THR B 85 31.02 -1.05 -17.83
CA THR B 85 30.48 -1.95 -18.84
C THR B 85 29.49 -2.90 -18.22
N GLN B 86 28.72 -3.56 -19.08
CA GLN B 86 27.76 -4.54 -18.61
C GLN B 86 28.46 -5.69 -17.96
N SER B 87 29.63 -6.04 -18.51
CA SER B 87 30.40 -7.13 -17.97
C SER B 87 30.90 -6.76 -16.61
N GLU B 88 31.26 -5.51 -16.41
CA GLU B 88 31.70 -5.08 -15.11
C GLU B 88 30.56 -5.13 -14.13
N VAL B 89 29.39 -4.68 -14.56
CA VAL B 89 28.27 -4.69 -13.66
C VAL B 89 27.94 -6.10 -13.25
N PHE B 90 27.86 -7.01 -14.20
CA PHE B 90 27.57 -8.40 -13.91
C PHE B 90 28.64 -9.06 -13.06
N GLU B 91 29.88 -8.96 -13.53
CA GLU B 91 31.02 -9.58 -12.89
C GLU B 91 31.29 -9.05 -11.51
N HIS B 92 30.94 -7.80 -11.27
CA HIS B 92 31.20 -7.22 -9.97
C HIS B 92 30.00 -7.31 -9.05
N THR B 93 28.89 -7.92 -9.51
CA THR B 93 27.71 -8.04 -8.65
C THR B 93 27.23 -9.46 -8.65
N THR B 94 26.42 -9.73 -9.66
CA THR B 94 25.72 -10.96 -9.84
C THR B 94 26.62 -12.16 -9.85
N LYS B 95 27.75 -12.08 -10.54
CA LYS B 95 28.68 -13.21 -10.59
C LYS B 95 29.08 -13.67 -9.17
N PRO B 96 29.64 -12.81 -8.29
CA PRO B 96 29.86 -13.06 -6.86
C PRO B 96 28.61 -13.58 -6.15
N ILE B 97 27.45 -12.99 -6.46
CA ILE B 97 26.19 -13.41 -5.83
C ILE B 97 25.85 -14.86 -6.17
N LEU B 98 26.07 -15.25 -7.42
CA LEU B 98 25.81 -16.58 -7.89
C LEU B 98 26.61 -17.64 -7.14
N ARG B 99 27.70 -17.24 -6.49
CA ARG B 99 28.49 -18.18 -5.70
C ARG B 99 27.65 -18.68 -4.52
N SER B 100 26.81 -17.79 -3.97
CA SER B 100 25.93 -18.14 -2.86
C SER B 100 24.68 -18.84 -3.37
N PHE B 101 24.20 -18.40 -4.53
CA PHE B 101 23.04 -19.02 -5.18
C PHE B 101 23.28 -20.50 -5.38
N LEU B 102 24.43 -20.83 -5.95
CA LEU B 102 24.83 -22.20 -6.19
C LEU B 102 25.00 -22.98 -4.89
N ASN B 103 25.28 -22.27 -3.79
CA ASN B 103 25.44 -22.90 -2.48
C ASN B 103 24.12 -23.09 -1.74
N GLY B 104 23.00 -22.77 -2.38
CA GLY B 104 21.70 -23.01 -1.75
C GLY B 104 20.99 -21.76 -1.25
N TYR B 105 21.46 -20.58 -1.64
CA TYR B 105 20.80 -19.34 -1.25
C TYR B 105 19.81 -18.87 -2.29
N ASN B 106 18.79 -18.20 -1.82
CA ASN B 106 17.81 -17.61 -2.69
C ASN B 106 18.28 -16.19 -2.90
N CYS B 107 17.96 -15.59 -4.02
CA CYS B 107 18.44 -14.24 -4.26
C CYS B 107 17.35 -13.30 -4.68
N THR B 108 17.50 -12.03 -4.35
CA THR B 108 16.54 -11.01 -4.71
C THR B 108 17.24 -9.80 -5.30
N VAL B 109 16.90 -9.46 -6.54
CA VAL B 109 17.55 -8.33 -7.21
C VAL B 109 16.60 -7.20 -7.49
N LEU B 110 16.93 -6.03 -6.97
CA LEU B 110 16.09 -4.85 -7.11
C LEU B 110 16.70 -3.73 -7.94
N ALA B 111 16.29 -3.61 -9.19
CA ALA B 111 16.79 -2.55 -10.06
C ALA B 111 16.11 -1.23 -9.79
N TYR B 112 16.51 -0.57 -8.72
CA TYR B 112 15.91 0.71 -8.32
C TYR B 112 16.39 1.84 -9.24
N GLY B 113 15.49 2.77 -9.51
CA GLY B 113 15.82 3.92 -10.37
C GLY B 113 14.56 4.54 -10.94
N ALA B 114 14.70 5.68 -11.59
CA ALA B 114 13.58 6.39 -12.21
C ALA B 114 13.62 6.21 -13.73
N THR B 115 12.71 6.87 -14.43
CA THR B 115 12.72 6.80 -15.88
C THR B 115 14.01 7.42 -16.38
N GLY B 116 14.73 6.71 -17.24
CA GLY B 116 16.01 7.23 -17.75
C GLY B 116 17.21 6.68 -16.96
N ALA B 117 16.94 5.92 -15.90
CA ALA B 117 17.98 5.36 -15.06
C ALA B 117 18.90 4.39 -15.78
N GLY B 118 18.39 3.67 -16.79
CA GLY B 118 19.17 2.66 -17.48
C GLY B 118 18.93 1.29 -16.95
N LYS B 119 17.88 1.15 -16.15
CA LYS B 119 17.55 -0.11 -15.50
C LYS B 119 17.32 -1.24 -16.49
N THR B 120 16.52 -0.99 -17.53
CA THR B 120 16.25 -2.02 -18.50
C THR B 120 17.47 -2.36 -19.32
N HIS B 121 18.24 -1.36 -19.72
CA HIS B 121 19.46 -1.67 -20.45
C HIS B 121 20.39 -2.48 -19.55
N THR B 122 20.45 -2.12 -18.27
CA THR B 122 21.28 -2.86 -17.32
C THR B 122 20.90 -4.34 -17.22
N MET B 123 19.60 -4.63 -17.22
CA MET B 123 19.14 -6.01 -17.14
C MET B 123 18.99 -6.71 -18.49
N LEU B 124 18.23 -6.11 -19.40
CA LEU B 124 18.05 -6.67 -20.73
C LEU B 124 19.21 -6.31 -21.62
N GLY B 125 19.45 -5.03 -21.77
CA GLY B 125 20.58 -4.52 -22.56
C GLY B 125 20.42 -4.53 -24.06
N SER B 126 21.47 -4.07 -24.71
CA SER B 126 21.59 -4.00 -26.14
C SER B 126 22.33 -5.21 -26.66
N ALA B 127 22.39 -5.37 -27.96
CA ALA B 127 23.11 -6.50 -28.51
C ALA B 127 24.59 -6.42 -28.19
N ASP B 128 25.14 -5.22 -28.26
CA ASP B 128 26.54 -5.00 -27.98
C ASP B 128 26.81 -4.97 -26.51
N GLU B 129 25.87 -4.41 -25.76
CA GLU B 129 25.96 -4.35 -24.33
C GLU B 129 24.71 -4.91 -23.69
N PRO B 130 24.56 -6.24 -23.70
CA PRO B 130 23.45 -6.99 -23.14
C PRO B 130 23.56 -6.89 -21.65
N GLY B 131 22.45 -6.99 -20.98
CA GLY B 131 22.42 -6.80 -19.54
C GLY B 131 22.72 -8.04 -18.75
N VAL B 132 22.62 -7.88 -17.44
CA VAL B 132 22.97 -8.91 -16.49
C VAL B 132 22.04 -10.11 -16.54
N MET B 133 20.85 -9.98 -17.09
CA MET B 133 19.97 -11.14 -17.15
C MET B 133 20.50 -12.14 -18.13
N TYR B 134 20.90 -11.62 -19.28
CA TYR B 134 21.49 -12.43 -20.32
C TYR B 134 22.73 -13.08 -19.81
N LEU B 135 23.58 -12.23 -19.23
CA LEU B 135 24.87 -12.63 -18.72
C LEU B 135 24.73 -13.65 -17.63
N THR B 136 23.69 -13.50 -16.80
CA THR B 136 23.45 -14.46 -15.76
C THR B 136 23.17 -15.79 -16.37
N MET B 137 22.28 -15.82 -17.35
CA MET B 137 21.93 -17.08 -17.99
C MET B 137 23.05 -17.71 -18.74
N LEU B 138 23.88 -16.90 -19.37
CA LEU B 138 25.00 -17.46 -20.08
C LEU B 138 25.96 -18.03 -19.07
N HIS B 139 26.19 -17.27 -18.00
CA HIS B 139 27.03 -17.69 -16.89
C HIS B 139 26.46 -18.95 -16.27
N LEU B 140 25.14 -19.02 -16.16
CA LEU B 140 24.50 -20.21 -15.64
C LEU B 140 24.68 -21.37 -16.57
N TYR B 141 24.74 -21.16 -17.89
CA TYR B 141 25.01 -22.28 -18.77
C TYR B 141 26.38 -22.83 -18.43
N LYS B 142 27.32 -21.93 -18.13
CA LYS B 142 28.64 -22.34 -17.66
C LYS B 142 28.50 -23.12 -16.36
N CYS B 143 27.69 -22.62 -15.44
CA CYS B 143 27.48 -23.30 -14.17
C CYS B 143 26.82 -24.66 -14.37
N MET B 144 25.94 -24.76 -15.37
CA MET B 144 25.32 -26.02 -15.71
C MET B 144 26.38 -26.99 -16.15
N ASP B 145 27.31 -26.50 -16.97
CA ASP B 145 28.42 -27.31 -17.42
C ASP B 145 29.30 -27.71 -16.25
N GLU B 146 29.49 -26.79 -15.31
CA GLU B 146 30.30 -27.08 -14.12
C GLU B 146 29.74 -28.25 -13.34
N ILE B 147 28.41 -28.35 -13.25
CA ILE B 147 27.83 -29.49 -12.56
C ILE B 147 27.07 -30.43 -13.49
N LYS B 148 27.35 -30.41 -14.79
CA LYS B 148 26.61 -31.27 -15.71
C LYS B 148 26.93 -32.73 -15.45
N GLU B 149 28.09 -32.99 -14.85
CA GLU B 149 28.49 -34.33 -14.50
C GLU B 149 28.28 -34.55 -13.03
N GLU B 150 28.66 -33.53 -12.25
CA GLU B 150 28.58 -33.57 -10.81
C GLU B 150 27.18 -33.74 -10.25
N LYS B 151 26.20 -33.02 -10.78
CA LYS B 151 24.89 -33.10 -10.16
C LYS B 151 23.74 -33.54 -11.05
N ILE B 152 22.73 -34.18 -10.42
CA ILE B 152 21.50 -34.58 -11.11
C ILE B 152 20.55 -33.43 -10.97
N CYS B 153 20.88 -32.37 -11.66
CA CYS B 153 20.19 -31.12 -11.59
C CYS B 153 19.25 -30.89 -12.73
N SER B 154 18.47 -29.83 -12.60
CA SER B 154 17.59 -29.36 -13.66
C SER B 154 17.24 -27.92 -13.39
N THR B 155 16.96 -27.17 -14.44
CA THR B 155 16.61 -25.78 -14.24
C THR B 155 15.42 -25.39 -15.06
N ALA B 156 14.87 -24.25 -14.71
CA ALA B 156 13.77 -23.70 -15.46
C ALA B 156 13.56 -22.26 -15.06
N VAL B 157 12.82 -21.50 -15.86
CA VAL B 157 12.62 -20.09 -15.57
C VAL B 157 11.20 -19.58 -15.73
N SER B 158 10.90 -18.49 -15.04
CA SER B 158 9.59 -17.88 -15.17
C SER B 158 9.72 -16.37 -15.20
N TYR B 159 8.66 -15.70 -15.63
CA TYR B 159 8.73 -14.26 -15.82
C TYR B 159 7.38 -13.60 -16.05
N LEU B 160 7.12 -12.54 -15.27
CA LEU B 160 5.87 -11.81 -15.30
C LEU B 160 6.03 -10.30 -15.10
N GLU B 161 4.97 -9.56 -15.40
CA GLU B 161 4.92 -8.11 -15.20
C GLU B 161 4.07 -7.75 -14.01
N VAL B 162 4.55 -6.81 -13.21
CA VAL B 162 3.71 -6.28 -12.15
C VAL B 162 3.40 -4.84 -12.52
N TYR B 163 2.12 -4.55 -12.65
CA TYR B 163 1.73 -3.23 -13.10
C TYR B 163 0.51 -2.83 -12.30
N ASN B 164 0.61 -1.75 -11.54
CA ASN B 164 -0.49 -1.32 -10.66
C ASN B 164 -0.92 -2.47 -9.75
N GLU B 165 0.07 -3.20 -9.23
CA GLU B 165 -0.12 -4.37 -8.39
C GLU B 165 -0.83 -5.55 -9.09
N GLN B 166 -0.94 -5.51 -10.42
CA GLN B 166 -1.57 -6.61 -11.14
C GLN B 166 -0.46 -7.50 -11.66
N ILE B 167 -0.71 -8.80 -11.69
CA ILE B 167 0.34 -9.75 -12.10
C ILE B 167 0.03 -10.49 -13.40
N ARG B 168 0.88 -10.30 -14.42
CA ARG B 168 0.67 -10.91 -15.74
C ARG B 168 1.90 -11.64 -16.29
N ASP B 169 1.72 -12.91 -16.64
CA ASP B 169 2.79 -13.72 -17.19
C ASP B 169 3.27 -13.15 -18.51
N LEU B 170 4.56 -12.87 -18.63
CA LEU B 170 5.10 -12.33 -19.86
C LEU B 170 5.69 -13.38 -20.78
N LEU B 171 5.71 -14.63 -20.33
CA LEU B 171 6.22 -15.71 -21.16
C LEU B 171 5.08 -16.32 -21.97
N VAL B 172 3.84 -16.06 -21.53
CA VAL B 172 2.66 -16.47 -22.28
C VAL B 172 1.56 -15.48 -21.96
N ASN B 173 0.76 -15.13 -22.96
CA ASN B 173 -0.29 -14.15 -22.74
C ASN B 173 -1.37 -14.70 -21.81
N SER B 174 -1.48 -14.09 -20.64
CA SER B 174 -2.42 -14.57 -19.64
C SER B 174 -3.10 -13.41 -18.95
N GLY B 175 -4.03 -13.74 -18.09
CA GLY B 175 -4.69 -12.76 -17.26
C GLY B 175 -3.92 -12.69 -15.96
N PRO B 176 -4.52 -12.09 -14.94
CA PRO B 176 -4.06 -11.92 -13.57
C PRO B 176 -3.69 -13.27 -12.98
N LEU B 177 -2.54 -13.33 -12.32
CA LEU B 177 -2.11 -14.59 -11.74
C LEU B 177 -2.44 -14.62 -10.26
N ALA B 178 -2.63 -15.83 -9.73
CA ALA B 178 -3.00 -16.00 -8.33
C ALA B 178 -1.82 -16.38 -7.48
N VAL B 179 -1.37 -15.48 -6.63
CA VAL B 179 -0.24 -15.78 -5.78
C VAL B 179 -0.72 -16.44 -4.51
N ARG B 180 -0.29 -17.68 -4.32
CA ARG B 180 -0.72 -18.48 -3.20
C ARG B 180 0.42 -19.26 -2.64
N GLU B 181 0.20 -19.89 -1.53
CA GLU B 181 1.23 -20.72 -0.99
C GLU B 181 0.99 -22.15 -1.45
N ASP B 182 2.07 -22.87 -1.72
CA ASP B 182 1.97 -24.24 -2.18
C ASP B 182 1.92 -25.24 -1.06
N THR B 183 2.10 -26.51 -1.41
CA THR B 183 2.05 -27.62 -0.48
C THR B 183 3.17 -27.58 0.55
N GLN B 184 4.16 -26.73 0.37
CA GLN B 184 5.20 -26.56 1.37
C GLN B 184 5.38 -25.07 1.74
N LYS B 185 4.32 -24.28 1.57
CA LYS B 185 4.29 -22.83 1.87
C LYS B 185 5.09 -21.93 0.94
N GLY B 186 5.51 -22.45 -0.20
CA GLY B 186 6.25 -21.62 -1.14
C GLY B 186 5.32 -20.66 -1.81
N VAL B 187 5.79 -19.43 -2.03
CA VAL B 187 4.93 -18.45 -2.68
C VAL B 187 4.79 -18.75 -4.15
N VAL B 188 3.82 -19.60 -4.48
CA VAL B 188 3.61 -19.94 -5.87
C VAL B 188 2.63 -19.07 -6.59
N VAL B 189 3.13 -18.45 -7.63
CA VAL B 189 2.32 -17.61 -8.47
C VAL B 189 1.55 -18.49 -9.40
N HIS B 190 0.42 -18.94 -8.93
CA HIS B 190 -0.38 -19.90 -9.65
C HIS B 190 -0.77 -19.34 -11.02
N GLY B 191 -0.41 -20.08 -12.06
CA GLY B 191 -0.69 -19.67 -13.45
C GLY B 191 0.58 -19.23 -14.18
N LEU B 192 1.64 -18.98 -13.44
CA LEU B 192 2.92 -18.57 -14.02
C LEU B 192 3.63 -19.74 -14.68
N THR B 193 4.05 -19.56 -15.93
CA THR B 193 4.72 -20.62 -16.67
C THR B 193 6.17 -20.79 -16.31
N LEU B 194 6.68 -21.95 -16.68
CA LEU B 194 8.03 -22.33 -16.34
C LEU B 194 8.70 -22.95 -17.56
N HIS B 195 9.77 -22.33 -18.04
CA HIS B 195 10.38 -22.73 -19.30
C HIS B 195 11.75 -23.34 -19.15
N GLN B 196 12.13 -24.14 -20.14
CA GLN B 196 13.42 -24.85 -20.09
C GLN B 196 14.23 -24.76 -21.38
N PRO B 197 14.91 -23.62 -21.62
CA PRO B 197 15.80 -23.29 -22.72
C PRO B 197 17.18 -23.94 -22.53
N LYS B 198 17.98 -23.94 -23.58
CA LYS B 198 19.31 -24.55 -23.55
C LYS B 198 20.41 -23.66 -24.11
N SER B 199 20.10 -22.97 -25.22
CA SER B 199 21.08 -22.14 -25.91
C SER B 199 21.09 -20.70 -25.48
N SER B 200 22.17 -20.02 -25.87
CA SER B 200 22.35 -18.61 -25.56
C SER B 200 21.46 -17.74 -26.42
N GLU B 201 21.09 -18.26 -27.59
CA GLU B 201 20.17 -17.56 -28.47
C GLU B 201 18.84 -17.48 -27.82
N GLU B 202 18.42 -18.59 -27.24
CA GLU B 202 17.16 -18.61 -26.52
C GLU B 202 17.18 -17.66 -25.36
N ILE B 203 18.33 -17.51 -24.69
CA ILE B 203 18.38 -16.60 -23.56
C ILE B 203 17.88 -15.24 -23.97
N LEU B 204 18.59 -14.64 -24.91
CA LEU B 204 18.28 -13.29 -25.30
C LEU B 204 16.98 -13.22 -26.06
N HIS B 205 16.77 -14.17 -26.96
CA HIS B 205 15.56 -14.24 -27.74
C HIS B 205 14.34 -14.17 -26.86
N LEU B 206 14.32 -15.00 -25.84
CA LEU B 206 13.21 -15.04 -24.94
C LEU B 206 13.18 -13.83 -24.03
N LEU B 207 14.34 -13.29 -23.64
CA LEU B 207 14.34 -12.07 -22.83
C LEU B 207 13.71 -10.94 -23.60
N ASP B 208 14.00 -10.90 -24.88
CA ASP B 208 13.46 -9.90 -25.75
C ASP B 208 11.98 -10.08 -25.87
N ASN B 209 11.56 -11.31 -26.13
CA ASN B 209 10.16 -11.61 -26.31
C ASN B 209 9.37 -11.21 -25.09
N GLY B 210 9.93 -11.48 -23.92
CA GLY B 210 9.28 -11.14 -22.68
C GLY B 210 9.14 -9.63 -22.51
N ASN B 211 10.21 -8.89 -22.77
CA ASN B 211 10.15 -7.44 -22.63
C ASN B 211 9.26 -6.80 -23.69
N LYS B 212 9.14 -7.46 -24.85
CA LYS B 212 8.23 -7.00 -25.89
C LYS B 212 6.77 -7.06 -25.44
N ASN B 213 6.47 -7.87 -24.41
CA ASN B 213 5.11 -8.02 -23.92
C ASN B 213 4.80 -7.09 -22.75
N ARG B 214 5.73 -6.19 -22.40
CA ARG B 214 5.50 -5.29 -21.28
C ARG B 214 4.65 -4.09 -21.68
N THR B 215 3.95 -3.52 -20.72
CA THR B 215 3.02 -2.42 -20.96
C THR B 215 3.74 -1.18 -21.48
N GLN B 216 3.19 -0.62 -22.56
CA GLN B 216 3.71 0.59 -23.18
C GLN B 216 3.27 1.84 -22.46
N HIS B 217 4.21 2.75 -22.24
CA HIS B 217 3.95 4.00 -21.55
C HIS B 217 2.79 4.76 -22.18
N ALA B 223 7.71 2.82 -26.02
CA ALA B 223 8.53 2.96 -24.81
C ALA B 223 7.87 2.24 -23.64
N THR B 224 8.66 1.47 -22.90
CA THR B 224 8.16 0.74 -21.75
C THR B 224 7.66 1.71 -20.69
N SER B 225 6.46 1.43 -20.17
CA SER B 225 5.86 2.28 -19.15
C SER B 225 6.70 2.43 -17.91
N SER B 226 6.71 3.66 -17.40
CA SER B 226 7.45 3.99 -16.19
C SER B 226 6.90 3.31 -14.95
N ARG B 227 5.68 2.77 -15.03
CA ARG B 227 5.08 2.10 -13.89
C ARG B 227 5.16 0.57 -13.96
N SER B 228 5.94 0.04 -14.91
CA SER B 228 6.07 -1.42 -15.03
C SER B 228 7.21 -2.01 -14.25
N HIS B 229 6.95 -3.15 -13.61
CA HIS B 229 7.98 -3.88 -12.92
C HIS B 229 8.16 -5.23 -13.61
N ALA B 230 9.38 -5.68 -13.78
CA ALA B 230 9.61 -7.00 -14.38
C ALA B 230 10.04 -7.97 -13.31
N VAL B 231 9.48 -9.18 -13.27
CA VAL B 231 9.89 -10.14 -12.26
C VAL B 231 10.23 -11.51 -12.83
N PHE B 232 11.51 -11.86 -12.79
CA PHE B 232 11.97 -13.14 -13.31
C PHE B 232 12.31 -14.04 -12.16
N GLN B 233 12.29 -15.34 -12.43
CA GLN B 233 12.69 -16.28 -11.42
C GLN B 233 13.47 -17.44 -11.98
N ILE B 234 14.64 -17.66 -11.38
CA ILE B 234 15.53 -18.72 -11.76
C ILE B 234 15.38 -19.89 -10.84
N TYR B 235 15.00 -21.03 -11.39
CA TYR B 235 14.79 -22.23 -10.60
C TYR B 235 15.97 -23.18 -10.73
N LEU B 236 16.77 -23.30 -9.67
CA LEU B 236 17.91 -24.22 -9.68
C LEU B 236 17.71 -25.48 -8.85
N ARG B 237 17.33 -26.57 -9.50
CA ARG B 237 17.19 -27.85 -8.80
C ARG B 237 18.48 -28.58 -8.93
N GLN B 238 19.08 -29.01 -7.84
CA GLN B 238 20.33 -29.71 -8.00
C GLN B 238 20.50 -30.81 -6.99
N GLN B 239 21.25 -31.85 -7.36
CA GLN B 239 21.50 -32.98 -6.48
C GLN B 239 22.98 -33.36 -6.50
N ASP B 240 23.62 -33.27 -5.32
CA ASP B 240 25.06 -33.51 -5.15
C ASP B 240 25.52 -34.89 -5.59
N LYS B 241 26.70 -34.93 -6.21
CA LYS B 241 27.33 -36.15 -6.72
C LYS B 241 27.33 -37.34 -5.73
N THR B 242 27.52 -37.06 -4.44
CA THR B 242 27.57 -38.13 -3.44
C THR B 242 26.19 -38.48 -2.88
N ALA B 243 25.19 -37.65 -3.18
CA ALA B 243 23.83 -37.86 -2.71
C ALA B 243 23.06 -38.79 -3.65
N SER B 244 22.00 -39.40 -3.13
CA SER B 244 21.15 -40.27 -3.92
C SER B 244 20.45 -39.52 -5.04
N ILE B 245 20.21 -40.21 -6.14
CA ILE B 245 19.49 -39.61 -7.25
C ILE B 245 18.09 -39.16 -6.84
N ASN B 246 17.55 -39.76 -5.75
CA ASN B 246 16.26 -39.36 -5.22
C ASN B 246 16.40 -38.65 -3.86
N GLN B 247 17.56 -38.04 -3.60
CA GLN B 247 17.79 -37.31 -2.36
C GLN B 247 17.19 -35.92 -2.36
N ASN B 248 16.51 -35.60 -1.28
CA ASN B 248 15.89 -34.30 -1.12
C ASN B 248 16.91 -33.20 -0.86
N VAL B 249 17.06 -32.33 -1.86
CA VAL B 249 17.95 -31.18 -1.82
C VAL B 249 17.15 -29.94 -2.20
N ARG B 250 17.29 -28.85 -1.44
CA ARG B 250 16.52 -27.65 -1.72
C ARG B 250 16.90 -26.97 -3.04
N ILE B 251 15.91 -26.30 -3.62
CA ILE B 251 16.04 -25.55 -4.87
C ILE B 251 16.41 -24.09 -4.62
N ALA B 252 17.46 -23.62 -5.29
CA ALA B 252 17.86 -22.23 -5.11
C ALA B 252 17.06 -21.38 -6.07
N LYS B 253 16.55 -20.25 -5.60
CA LYS B 253 15.77 -19.42 -6.47
C LYS B 253 16.18 -17.96 -6.46
N MET B 254 16.44 -17.44 -7.66
CA MET B 254 16.85 -16.05 -7.84
C MET B 254 15.81 -15.20 -8.53
N SER B 255 15.37 -14.18 -7.83
CA SER B 255 14.40 -13.28 -8.39
C SER B 255 15.07 -12.07 -8.97
N LEU B 256 14.73 -11.75 -10.20
CA LEU B 256 15.31 -10.60 -10.85
C LEU B 256 14.25 -9.57 -11.04
N ILE B 257 14.38 -8.41 -10.42
CA ILE B 257 13.31 -7.44 -10.56
C ILE B 257 13.69 -6.09 -11.12
N ASP B 258 13.06 -5.72 -12.24
CA ASP B 258 13.24 -4.41 -12.85
C ASP B 258 12.24 -3.51 -12.19
N LEU B 259 12.68 -2.63 -11.31
CA LEU B 259 11.69 -1.82 -10.62
C LEU B 259 11.24 -0.65 -11.47
N ALA B 260 9.99 -0.29 -11.26
CA ALA B 260 9.34 0.85 -11.94
C ALA B 260 9.96 2.16 -11.47
N GLY B 261 9.72 3.22 -12.24
CA GLY B 261 10.29 4.53 -11.95
C GLY B 261 9.95 5.02 -10.55
N SER B 262 10.99 5.19 -9.74
CA SER B 262 10.87 5.64 -8.34
C SER B 262 10.37 7.07 -8.18
N GLU B 263 10.52 7.88 -9.24
CA GLU B 263 10.13 9.28 -9.28
C GLU B 263 9.11 9.67 -8.22
N ARG B 274 4.69 10.63 0.26
CA ARG B 274 4.19 11.99 0.42
C ARG B 274 3.90 12.62 -0.93
N PHE B 275 2.65 12.53 -1.35
CA PHE B 275 2.23 13.08 -2.63
C PHE B 275 0.73 13.25 -2.64
N VAL B 276 0.24 14.15 -3.48
CA VAL B 276 -1.19 14.35 -3.60
C VAL B 276 -1.83 13.05 -4.02
N GLU B 277 -2.91 12.69 -3.37
CA GLU B 277 -3.58 11.44 -3.69
C GLU B 277 -4.67 11.65 -4.72
N GLY B 278 -4.98 10.60 -5.44
CA GLY B 278 -6.00 10.64 -6.46
C GLY B 278 -7.35 10.92 -5.83
N THR B 279 -8.17 11.65 -6.56
CA THR B 279 -9.49 12.04 -6.10
C THR B 279 -10.48 10.89 -6.23
N ASN B 280 -10.38 9.90 -5.35
CA ASN B 280 -11.27 8.76 -5.38
C ASN B 280 -11.55 8.24 -3.99
N ILE B 281 -12.75 7.71 -3.81
CA ILE B 281 -13.14 7.15 -2.53
C ILE B 281 -12.27 5.96 -2.17
N ASN B 282 -11.89 5.18 -3.19
CA ASN B 282 -11.02 4.05 -2.97
C ASN B 282 -9.69 4.52 -2.46
N ARG B 283 -9.21 5.62 -3.03
CA ARG B 283 -7.96 6.19 -2.60
C ARG B 283 -8.09 6.66 -1.17
N SER B 284 -9.24 7.23 -0.84
CA SER B 284 -9.48 7.68 0.52
C SER B 284 -9.43 6.51 1.47
N LEU B 285 -9.99 5.39 1.06
CA LEU B 285 -9.95 4.20 1.88
C LEU B 285 -8.52 3.76 2.08
N LEU B 286 -7.74 3.81 1.01
CA LEU B 286 -6.34 3.45 1.10
C LEU B 286 -5.64 4.39 2.05
N ALA B 287 -5.97 5.66 1.97
CA ALA B 287 -5.40 6.65 2.84
C ALA B 287 -5.75 6.35 4.27
N LEU B 288 -6.98 5.93 4.49
CA LEU B 288 -7.42 5.57 5.81
C LEU B 288 -6.61 4.42 6.32
N GLY B 289 -6.37 3.45 5.44
CA GLY B 289 -5.57 2.30 5.82
C GLY B 289 -4.18 2.74 6.18
N ASN B 290 -3.63 3.66 5.41
CA ASN B 290 -2.31 4.18 5.67
C ASN B 290 -2.28 4.89 7.01
N VAL B 291 -3.32 5.65 7.30
CA VAL B 291 -3.41 6.36 8.56
C VAL B 291 -3.51 5.38 9.71
N ILE B 292 -4.27 4.32 9.49
CA ILE B 292 -4.44 3.27 10.48
C ILE B 292 -3.12 2.56 10.75
N ASN B 293 -2.34 2.35 9.69
CA ASN B 293 -1.06 1.66 9.79
C ASN B 293 -0.06 2.41 10.66
N ALA B 294 0.73 1.63 11.40
CA ALA B 294 1.78 2.18 12.25
C ALA B 294 2.96 2.60 11.40
N LEU B 295 3.68 3.62 11.85
CA LEU B 295 4.84 4.12 11.13
C LEU B 295 5.98 3.12 11.16
N ALA B 296 5.98 2.20 10.20
CA ALA B 296 7.04 1.20 10.07
C ALA B 296 8.39 1.85 9.83
N ASP B 297 8.38 2.95 9.05
CA ASP B 297 9.58 3.72 8.71
C ASP B 297 10.66 2.89 7.98
N SER B 298 10.27 1.76 7.39
CA SER B 298 11.19 0.89 6.68
C SER B 298 11.29 1.31 5.24
N LYS B 299 12.40 0.97 4.60
CA LYS B 299 12.59 1.25 3.18
C LYS B 299 11.55 0.50 2.36
N ARG B 300 11.22 -0.71 2.80
CA ARG B 300 10.23 -1.55 2.15
C ARG B 300 10.51 -1.66 0.66
N SER B 310 2.63 -4.48 -0.64
CA SER B 310 2.37 -4.58 -2.06
C SER B 310 2.35 -6.02 -2.51
N LYS B 311 1.96 -6.25 -3.76
CA LYS B 311 1.95 -7.60 -4.28
C LYS B 311 3.35 -8.06 -4.47
N LEU B 312 4.25 -7.11 -4.67
CA LEU B 312 5.66 -7.42 -4.79
C LEU B 312 6.16 -8.00 -3.47
N THR B 313 5.70 -7.47 -2.34
CA THR B 313 6.15 -8.02 -1.07
C THR B 313 5.49 -9.35 -0.82
N ARG B 314 4.32 -9.57 -1.41
CA ARG B 314 3.70 -10.88 -1.33
C ARG B 314 4.52 -11.86 -2.15
N LEU B 315 4.90 -11.43 -3.34
CA LEU B 315 5.72 -12.22 -4.23
C LEU B 315 7.06 -12.49 -3.59
N LEU B 316 7.55 -11.53 -2.83
CA LEU B 316 8.81 -11.66 -2.16
C LEU B 316 8.68 -12.03 -0.70
N LYS B 317 7.49 -12.44 -0.26
CA LYS B 317 7.30 -12.76 1.15
C LYS B 317 8.42 -13.62 1.72
N ASP B 318 8.70 -14.73 1.04
CA ASP B 318 9.73 -15.66 1.46
C ASP B 318 11.10 -15.36 0.86
N SER B 319 11.20 -14.24 0.16
CA SER B 319 12.42 -13.84 -0.51
C SER B 319 12.97 -12.54 0.09
N LEU B 320 12.34 -12.13 1.20
CA LEU B 320 12.82 -11.07 2.05
C LEU B 320 13.24 -11.61 3.40
N GLY B 321 13.27 -12.94 3.52
CA GLY B 321 13.60 -13.61 4.78
C GLY B 321 15.05 -14.05 4.84
N GLY B 322 15.27 -15.18 5.54
CA GLY B 322 16.61 -15.73 5.71
C GLY B 322 17.04 -16.54 4.50
N ASN B 323 18.33 -16.86 4.45
CA ASN B 323 18.92 -17.57 3.33
C ASN B 323 18.71 -16.82 2.02
N CYS B 324 18.70 -15.49 2.10
CA CYS B 324 18.49 -14.67 0.94
C CYS B 324 19.67 -13.77 0.67
N GLN B 325 19.94 -13.56 -0.60
CA GLN B 325 20.98 -12.65 -1.05
C GLN B 325 20.29 -11.50 -1.76
N THR B 326 19.84 -10.54 -0.96
CA THR B 326 19.11 -9.38 -1.46
C THR B 326 20.04 -8.25 -1.84
N ILE B 327 19.85 -7.71 -3.03
CA ILE B 327 20.64 -6.60 -3.49
C ILE B 327 19.80 -5.63 -4.29
N MET B 328 20.05 -4.35 -4.08
CA MET B 328 19.35 -3.30 -4.77
C MET B 328 20.32 -2.36 -5.43
N ILE B 329 20.03 -1.99 -6.67
CA ILE B 329 20.89 -1.06 -7.37
C ILE B 329 20.14 0.16 -7.72
N ALA B 330 20.77 1.29 -7.51
CA ALA B 330 20.20 2.56 -7.86
C ALA B 330 20.86 3.05 -9.11
N ALA B 331 20.23 2.81 -10.24
CA ALA B 331 20.76 3.35 -11.47
C ALA B 331 20.30 4.80 -11.50
N VAL B 332 21.23 5.75 -11.65
CA VAL B 332 20.87 7.17 -11.51
C VAL B 332 21.42 8.13 -12.57
N SER B 333 20.78 9.31 -12.66
CA SER B 333 21.17 10.44 -13.53
C SER B 333 22.10 11.46 -12.82
N PRO B 334 23.18 11.91 -13.47
CA PRO B 334 24.17 12.90 -13.01
C PRO B 334 23.77 14.38 -13.12
N SER B 335 22.75 14.69 -13.92
CA SER B 335 22.32 16.08 -14.17
C SER B 335 21.48 16.74 -13.10
N SER B 336 21.70 18.06 -12.95
CA SER B 336 20.95 18.90 -12.00
C SER B 336 19.46 18.96 -12.30
N VAL B 337 19.06 18.62 -13.50
CA VAL B 337 17.64 18.59 -13.83
C VAL B 337 16.87 17.62 -12.96
N PHE B 338 17.55 16.58 -12.49
CA PHE B 338 16.91 15.51 -11.76
C PHE B 338 17.39 15.50 -10.31
N TYR B 339 17.92 16.64 -9.87
CA TYR B 339 18.53 16.84 -8.56
C TYR B 339 17.65 16.38 -7.41
N ASP B 340 16.40 16.79 -7.43
CA ASP B 340 15.45 16.52 -6.38
C ASP B 340 15.22 15.03 -6.18
N ASP B 341 14.99 14.34 -7.28
CA ASP B 341 14.76 12.91 -7.23
C ASP B 341 16.01 12.17 -6.83
N THR B 342 17.16 12.67 -7.28
CA THR B 342 18.44 12.06 -6.98
C THR B 342 18.75 12.13 -5.50
N TYR B 343 18.51 13.29 -4.91
CA TYR B 343 18.69 13.46 -3.48
C TYR B 343 17.87 12.46 -2.72
N ASN B 344 16.58 12.41 -3.06
CA ASN B 344 15.65 11.51 -2.41
C ASN B 344 16.03 10.06 -2.62
N THR B 345 16.52 9.75 -3.81
CA THR B 345 16.96 8.41 -4.16
C THR B 345 18.12 7.99 -3.30
N LEU B 346 19.09 8.87 -3.15
CA LEU B 346 20.26 8.59 -2.37
C LEU B 346 19.90 8.47 -0.90
N LYS B 347 18.93 9.27 -0.46
CA LYS B 347 18.46 9.19 0.90
C LYS B 347 17.61 7.95 1.09
N TYR B 348 16.91 7.56 0.04
CA TYR B 348 16.15 6.33 0.06
C TYR B 348 17.10 5.18 0.22
N ALA B 349 18.20 5.23 -0.51
CA ALA B 349 19.21 4.20 -0.41
C ALA B 349 19.73 4.14 1.00
N ASN B 350 19.87 5.30 1.65
CA ASN B 350 20.25 5.29 3.05
C ASN B 350 19.19 4.62 3.91
N ARG B 351 17.91 4.78 3.56
CA ARG B 351 16.84 4.09 4.28
C ARG B 351 17.03 2.59 4.15
N ALA B 352 17.39 2.15 2.95
CA ALA B 352 17.67 0.74 2.69
C ALA B 352 18.87 0.29 3.51
N LYS B 353 19.89 1.15 3.60
CA LYS B 353 21.07 0.87 4.39
C LYS B 353 20.88 1.29 5.84
MG MG C . 12.82 0.07 -19.38
PB ADP D . 14.52 3.11 -18.67
O1B ADP D . 13.66 4.12 -18.01
O2B ADP D . 14.06 2.94 -20.20
O3B ADP D . 14.40 1.68 -17.92
PA ADP D . 16.35 4.11 -20.09
O1A ADP D . 15.46 5.24 -20.41
O2A ADP D . 16.08 2.91 -21.12
O3A ADP D . 16.03 3.61 -18.60
O5' ADP D . 17.89 4.56 -20.15
C5' ADP D . 17.94 5.76 -20.93
C4' ADP D . 18.68 5.46 -22.23
O4' ADP D . 20.02 6.02 -22.19
C3' ADP D . 18.86 3.94 -22.40
O3' ADP D . 18.90 3.60 -23.78
C2' ADP D . 20.21 3.67 -21.72
O2' ADP D . 20.93 2.67 -22.45
C1' ADP D . 20.96 5.01 -21.76
N9 ADP D . 21.43 5.30 -20.42
C8 ADP D . 20.58 5.64 -19.42
N7 ADP D . 20.95 5.13 -18.30
C5 ADP D . 22.09 4.45 -18.47
C6 ADP D . 22.93 3.72 -17.62
N6 ADP D . 22.61 3.57 -16.28
N1 ADP D . 24.03 3.18 -18.12
C2 ADP D . 24.32 3.32 -19.41
N3 ADP D . 23.55 3.98 -20.24
C4 ADP D . 22.43 4.56 -19.82
HOB2 ADP D . 14.11 3.82 -20.61
HOB3 ADP D . 14.43 1.87 -16.97
HOA2 ADP D . 16.20 3.26 -22.01
H5'1 ADP D . 18.46 6.54 -20.38
H5'2 ADP D . 16.93 6.09 -21.16
H4' ADP D . 18.13 5.87 -23.08
H3' ADP D . 18.06 3.41 -21.89
HO3' ADP D . 18.57 4.35 -24.28
H2' ADP D . 20.06 3.34 -20.69
HO2' ADP D . 21.41 3.13 -23.15
H1' ADP D . 21.80 4.96 -22.45
H8 ADP D . 19.70 6.25 -19.55
HN61 ADP D . 23.14 2.98 -15.73
HN62 ADP D . 21.71 3.80 -15.98
H2 ADP D . 25.22 2.87 -19.79
#